data_1AI6
#
_entry.id   1AI6
#
_cell.length_a   52.120
_cell.length_b   65.080
_cell.length_c   76.300
_cell.angle_alpha   100.20
_cell.angle_beta   111.44
_cell.angle_gamma   105.81
#
_symmetry.space_group_name_H-M   'P 1'
#
loop_
_entity.id
_entity.type
_entity.pdbx_description
1 polymer 'PENICILLIN AMIDOHYDROLASE'
2 polymer 'PENICILLIN AMIDOHYDROLASE'
3 non-polymer 'CALCIUM ION'
4 non-polymer 4-HYDROXYPHENYLACETATE
5 water water
#
loop_
_entity_poly.entity_id
_entity_poly.type
_entity_poly.pdbx_seq_one_letter_code
_entity_poly.pdbx_strand_id
1 'polypeptide(L)'
;EQSSSEIKIVRDEYGMPHIYANDTWHLFYGYGYVVAQDRLFQMEMARRSTQGTVAEVLGKDFVKFDKDIRRNYWPDAIRA
QIAALSPEDMSILQGYADGMNAWIDKVNTNPETLLPKQFNTFGFTPKRWEPFDVAMIFVGTMANRFSDSTSEIDNLALLT
ALKDKYGVSQGMAVFNQLKWLVNPSAPTTIAVQESNYPLKFNQQNSQTA
;
A
2 'polypeptide(L)'
;SNMWVIGKSKAQDAKAIMVNGPQFGWYAPAYTYGIGLHGAGYDVTGNTPFAYPGLVFGHNGVISWGSTAGFGDDVDIFAE
RLSAEKPGYYLHNGKWVKMLSREETITVKNGQAETFTVWRTVHGNILQTDQTTQTAYAKSRAWDGKEVASLLAWTHQMKA
KNWQQWTQQAAKQALTINWYYADVNGNIGYVHTGAYPDRQSGHDPRLPVPGTGKWDWKGLLPFEMNPKVYNPQSGYIANW
NNSPQKDYPASDLFAFLWGGADRVTEIDRLLEQKPRLTADQAWDVIRQTSRQDLNLRLFLPTLQAATSGLTQSDPRRQLV
ETLTRWDGINLLNDDGKTWQQPGSAILNVWLTSMLKRTVVAAVPMPFDKWYSASGYETTQDGPTGSLNISVGAKILYEAV
QGDKSPIPQAVDLFAGKPQQEVVLAALEDTWETLSKRYGNNVSNWKTPAMALTFRANNFFGVPQAAAEETRHQAEYQNRG
TENDMIVFSPTTSDRPVLAWDVVAPGQSGFIAPDGTVDKHYEDQLKMYENFGRKSLWLTKQDVEAHKESQEVLHVQR
;
B
#
# COMPACT_ATOMS: atom_id res chain seq x y z
N SER A 3 17.25 -35.42 13.13
CA SER A 3 17.29 -35.60 11.66
C SER A 3 17.28 -34.34 10.81
N SER A 4 18.28 -34.32 9.93
CA SER A 4 18.47 -33.33 8.90
C SER A 4 17.52 -33.46 7.71
N SER A 5 16.77 -34.56 7.62
CA SER A 5 15.90 -34.77 6.47
C SER A 5 14.44 -34.52 6.83
N GLU A 6 14.20 -34.35 8.12
CA GLU A 6 12.85 -34.17 8.62
C GLU A 6 12.31 -32.75 8.58
N ILE A 7 11.06 -32.62 8.13
CA ILE A 7 10.33 -31.36 8.19
C ILE A 7 9.01 -31.64 8.91
N LYS A 8 8.75 -30.99 10.02
CA LYS A 8 7.50 -31.22 10.74
C LYS A 8 6.61 -29.99 10.54
N ILE A 9 5.39 -30.24 10.11
CA ILE A 9 4.38 -29.22 9.89
C ILE A 9 3.21 -29.34 10.88
N VAL A 10 3.07 -28.39 11.78
CA VAL A 10 2.01 -28.36 12.77
C VAL A 10 1.02 -27.23 12.46
N ARG A 11 -0.26 -27.53 12.26
CA ARG A 11 -1.23 -26.47 12.03
C ARG A 11 -2.03 -26.17 13.30
N ASP A 12 -2.35 -24.88 13.52
CA ASP A 12 -3.07 -24.61 14.79
C ASP A 12 -4.57 -24.64 14.59
N GLU A 13 -5.32 -24.16 15.59
CA GLU A 13 -6.77 -24.12 15.49
C GLU A 13 -7.30 -23.28 14.34
N TYR A 14 -6.50 -22.35 13.78
CA TYR A 14 -7.02 -21.58 12.66
C TYR A 14 -6.39 -22.05 11.39
N GLY A 15 -5.62 -23.14 11.47
CA GLY A 15 -5.11 -23.75 10.25
C GLY A 15 -3.75 -23.13 9.92
N MET A 16 -3.21 -22.29 10.79
CA MET A 16 -1.94 -21.65 10.58
C MET A 16 -0.76 -22.60 10.77
N PRO A 17 -0.03 -22.88 9.71
CA PRO A 17 1.12 -23.74 9.69
C PRO A 17 2.34 -23.21 10.44
N HIS A 18 3.02 -24.02 11.22
CA HIS A 18 4.30 -23.78 11.83
C HIS A 18 5.29 -24.82 11.29
N ILE A 19 6.46 -24.42 10.80
CA ILE A 19 7.44 -25.30 10.17
C ILE A 19 8.64 -25.49 11.07
N TYR A 20 9.02 -26.77 11.22
CA TYR A 20 10.13 -27.14 12.14
C TYR A 20 11.12 -27.82 11.19
N ALA A 21 12.35 -27.32 11.09
CA ALA A 21 13.29 -27.91 10.14
C ALA A 21 14.68 -27.50 10.59
N ASN A 22 15.71 -28.18 10.13
CA ASN A 22 17.02 -27.95 10.69
C ASN A 22 17.90 -27.10 9.81
N ASP A 23 17.63 -27.02 8.52
CA ASP A 23 18.49 -26.17 7.72
C ASP A 23 17.57 -25.37 6.78
N THR A 24 18.19 -24.40 6.14
CA THR A 24 17.52 -23.43 5.30
C THR A 24 16.60 -24.04 4.27
N TRP A 25 17.18 -24.91 3.46
CA TRP A 25 16.44 -25.55 2.38
C TRP A 25 15.26 -26.37 2.89
N HIS A 26 15.37 -27.15 3.97
CA HIS A 26 14.21 -27.85 4.51
C HIS A 26 13.15 -26.88 5.06
N LEU A 27 13.57 -25.84 5.79
CA LEU A 27 12.66 -24.83 6.30
C LEU A 27 11.80 -24.18 5.21
N PHE A 28 12.40 -23.70 4.13
CA PHE A 28 11.62 -22.98 3.14
C PHE A 28 10.91 -23.95 2.22
N TYR A 29 11.36 -25.21 2.24
CA TYR A 29 10.67 -26.25 1.45
C TYR A 29 9.34 -26.49 2.16
N GLY A 30 9.38 -26.67 3.48
CA GLY A 30 8.13 -26.75 4.24
C GLY A 30 7.22 -25.57 3.93
N TYR A 31 7.71 -24.33 4.02
CA TYR A 31 6.87 -23.15 3.76
C TYR A 31 6.17 -23.22 2.42
N GLY A 32 6.90 -23.48 1.35
CA GLY A 32 6.32 -23.61 0.02
C GLY A 32 5.26 -24.68 -0.06
N TYR A 33 5.52 -25.82 0.58
CA TYR A 33 4.63 -26.98 0.59
C TYR A 33 3.28 -26.60 1.20
N VAL A 34 3.24 -25.95 2.38
CA VAL A 34 1.93 -25.53 2.90
C VAL A 34 1.33 -24.39 2.11
N VAL A 35 2.12 -23.52 1.47
CA VAL A 35 1.56 -22.49 0.59
C VAL A 35 0.80 -23.15 -0.55
N ALA A 36 1.37 -24.21 -1.12
CA ALA A 36 0.77 -24.98 -2.22
C ALA A 36 -0.50 -25.70 -1.75
N GLN A 37 -0.52 -26.16 -0.50
CA GLN A 37 -1.71 -26.77 0.06
C GLN A 37 -2.82 -25.73 0.25
N ASP A 38 -2.50 -24.52 0.74
CA ASP A 38 -3.54 -23.57 1.09
C ASP A 38 -4.00 -22.64 -0.01
N ARG A 39 -3.05 -22.22 -0.86
CA ARG A 39 -3.32 -21.13 -1.80
C ARG A 39 -2.80 -21.35 -3.21
N LEU A 40 -2.88 -22.58 -3.70
CA LEU A 40 -2.32 -22.86 -5.01
C LEU A 40 -2.93 -22.04 -6.14
N PHE A 41 -4.25 -21.96 -6.33
CA PHE A 41 -4.82 -21.21 -7.43
C PHE A 41 -4.51 -19.71 -7.30
N GLN A 42 -4.54 -19.14 -6.11
CA GLN A 42 -4.23 -17.74 -5.91
C GLN A 42 -2.80 -17.45 -6.36
N MET A 43 -1.90 -18.33 -5.90
CA MET A 43 -0.48 -18.23 -6.20
C MET A 43 -0.16 -18.39 -7.69
N GLU A 44 -0.93 -19.25 -8.33
CA GLU A 44 -0.78 -19.49 -9.76
C GLU A 44 -1.28 -18.28 -10.54
N MET A 45 -2.33 -17.61 -10.06
CA MET A 45 -2.82 -16.44 -10.82
C MET A 45 -1.88 -15.26 -10.56
N ALA A 46 -1.34 -15.23 -9.33
CA ALA A 46 -0.38 -14.18 -9.00
C ALA A 46 0.83 -14.34 -9.92
N ARG A 47 1.32 -15.58 -10.08
CA ARG A 47 2.49 -15.82 -10.91
C ARG A 47 2.24 -15.38 -12.33
N ARG A 48 1.09 -15.64 -12.89
CA ARG A 48 0.80 -15.24 -14.26
C ARG A 48 0.62 -13.71 -14.35
N SER A 49 0.09 -13.15 -13.26
CA SER A 49 -0.18 -11.72 -13.20
C SER A 49 1.13 -10.93 -13.25
N THR A 50 2.09 -11.42 -12.43
CA THR A 50 3.38 -10.75 -12.31
C THR A 50 4.29 -11.05 -13.49
N GLN A 51 3.96 -11.97 -14.38
CA GLN A 51 4.87 -12.23 -15.52
C GLN A 51 4.10 -11.89 -16.76
N GLY A 52 2.81 -11.56 -16.72
CA GLY A 52 2.09 -11.26 -17.96
C GLY A 52 1.90 -12.55 -18.77
N THR A 53 1.28 -13.58 -18.19
CA THR A 53 0.95 -14.79 -18.91
C THR A 53 -0.51 -15.14 -18.63
N VAL A 54 -1.36 -14.13 -18.46
CA VAL A 54 -2.77 -14.30 -18.17
C VAL A 54 -3.59 -14.63 -19.40
N ALA A 55 -3.29 -14.01 -20.53
CA ALA A 55 -4.04 -14.26 -21.75
C ALA A 55 -3.92 -15.70 -22.22
N GLU A 56 -2.87 -16.47 -21.93
CA GLU A 56 -2.76 -17.86 -22.32
C GLU A 56 -3.89 -18.70 -21.70
N VAL A 57 -4.30 -18.40 -20.48
CA VAL A 57 -5.39 -19.21 -19.92
C VAL A 57 -6.67 -18.41 -19.96
N LEU A 58 -6.64 -17.08 -20.05
CA LEU A 58 -7.91 -16.36 -19.99
C LEU A 58 -8.27 -15.60 -21.24
N GLY A 59 -7.45 -15.56 -22.27
CA GLY A 59 -7.92 -15.03 -23.53
C GLY A 59 -7.63 -13.58 -23.84
N LYS A 60 -8.33 -13.10 -24.87
CA LYS A 60 -8.14 -11.83 -25.53
C LYS A 60 -8.36 -10.60 -24.67
N ASP A 61 -9.25 -10.64 -23.70
CA ASP A 61 -9.42 -9.48 -22.84
C ASP A 61 -8.14 -9.19 -22.06
N PHE A 62 -7.16 -10.06 -21.86
CA PHE A 62 -5.96 -9.80 -21.12
C PHE A 62 -4.68 -9.58 -21.90
N VAL A 63 -4.69 -9.39 -23.20
CA VAL A 63 -3.53 -9.16 -24.03
C VAL A 63 -2.90 -7.81 -23.73
N LYS A 64 -3.65 -6.74 -23.47
CA LYS A 64 -3.03 -5.43 -23.19
C LYS A 64 -2.33 -5.48 -21.84
N PHE A 65 -3.01 -6.09 -20.88
CA PHE A 65 -2.52 -6.29 -19.54
C PHE A 65 -1.18 -7.01 -19.63
N ASP A 66 -1.13 -8.17 -20.30
CA ASP A 66 0.11 -8.90 -20.47
C ASP A 66 1.17 -8.05 -21.14
N LYS A 67 0.90 -7.35 -22.24
CA LYS A 67 1.93 -6.48 -22.77
C LYS A 67 2.37 -5.41 -21.76
N ASP A 68 1.44 -4.81 -20.99
CA ASP A 68 1.89 -3.78 -20.07
C ASP A 68 2.80 -4.36 -19.00
N ILE A 69 2.44 -5.54 -18.48
CA ILE A 69 3.31 -6.17 -17.48
C ILE A 69 4.71 -6.42 -18.04
N ARG A 70 4.84 -7.02 -19.23
CA ARG A 70 6.19 -7.30 -19.73
C ARG A 70 7.02 -6.06 -20.08
N ARG A 71 6.40 -5.00 -20.56
CA ARG A 71 7.05 -3.71 -20.80
C ARG A 71 7.67 -3.08 -19.55
N ASN A 72 7.10 -3.36 -18.39
CA ASN A 72 7.58 -2.81 -17.15
C ASN A 72 8.66 -3.51 -16.37
N TYR A 73 9.40 -4.45 -16.95
CA TYR A 73 10.53 -5.04 -16.22
C TYR A 73 11.47 -5.66 -17.25
N TRP A 74 12.60 -6.12 -16.75
CA TRP A 74 13.62 -6.76 -17.57
C TRP A 74 14.08 -8.08 -16.99
N PRO A 75 13.52 -9.19 -17.43
CA PRO A 75 13.74 -10.51 -16.88
C PRO A 75 15.19 -10.93 -16.71
N ASP A 76 16.07 -10.64 -17.67
CA ASP A 76 17.48 -10.97 -17.58
C ASP A 76 18.23 -10.36 -16.40
N ALA A 77 17.84 -9.13 -16.05
CA ALA A 77 18.29 -8.46 -14.86
C ALA A 77 17.89 -9.20 -13.58
N ILE A 78 16.72 -9.84 -13.53
CA ILE A 78 16.31 -10.55 -12.33
C ILE A 78 17.06 -11.87 -12.21
N ARG A 79 17.25 -12.55 -13.35
CA ARG A 79 18.02 -13.80 -13.37
C ARG A 79 19.48 -13.56 -12.99
N ALA A 80 20.06 -12.45 -13.48
CA ALA A 80 21.45 -12.15 -13.08
C ALA A 80 21.57 -11.91 -11.59
N GLN A 81 20.55 -11.32 -10.94
CA GLN A 81 20.66 -11.09 -9.51
C GLN A 81 20.56 -12.44 -8.78
N ILE A 82 19.72 -13.33 -9.30
CA ILE A 82 19.59 -14.64 -8.70
C ILE A 82 20.87 -15.47 -8.89
N ALA A 83 21.45 -15.40 -10.08
CA ALA A 83 22.75 -16.02 -10.32
C ALA A 83 23.87 -15.52 -9.42
N ALA A 84 23.83 -14.33 -8.83
CA ALA A 84 24.87 -13.91 -7.92
C ALA A 84 24.60 -14.26 -6.46
N LEU A 85 23.53 -14.95 -6.10
CA LEU A 85 23.34 -15.23 -4.68
C LEU A 85 24.36 -16.23 -4.19
N SER A 86 24.67 -16.13 -2.90
CA SER A 86 25.44 -17.17 -2.23
C SER A 86 24.55 -18.39 -2.05
N PRO A 87 25.18 -19.52 -1.77
CA PRO A 87 24.46 -20.79 -1.62
C PRO A 87 23.41 -20.73 -0.52
N GLU A 88 23.64 -20.05 0.58
CA GLU A 88 22.70 -19.92 1.68
C GLU A 88 21.49 -19.12 1.22
N ASP A 89 21.74 -18.03 0.48
CA ASP A 89 20.60 -17.21 0.06
C ASP A 89 19.77 -17.90 -0.99
N MET A 90 20.42 -18.62 -1.89
CA MET A 90 19.81 -19.34 -2.97
C MET A 90 18.88 -20.45 -2.48
N SER A 91 19.26 -21.07 -1.37
CA SER A 91 18.53 -22.11 -0.70
C SER A 91 17.13 -21.67 -0.29
N ILE A 92 17.00 -20.44 0.21
CA ILE A 92 15.70 -19.90 0.52
C ILE A 92 14.79 -19.99 -0.70
N LEU A 93 15.24 -19.38 -1.81
CA LEU A 93 14.40 -19.43 -3.01
C LEU A 93 14.25 -20.84 -3.54
N GLN A 94 15.27 -21.70 -3.52
CA GLN A 94 15.15 -22.99 -4.19
C GLN A 94 14.31 -23.90 -3.26
N GLY A 95 14.62 -23.79 -1.96
CA GLY A 95 13.82 -24.55 -1.01
C GLY A 95 12.35 -24.36 -1.33
N TYR A 96 11.85 -23.13 -1.28
CA TYR A 96 10.49 -22.72 -1.49
C TYR A 96 9.93 -23.20 -2.79
N ALA A 97 10.65 -23.09 -3.89
CA ALA A 97 10.10 -23.60 -5.15
C ALA A 97 10.00 -25.14 -5.14
N ASP A 98 11.00 -25.83 -4.55
CA ASP A 98 10.97 -27.29 -4.44
C ASP A 98 9.79 -27.78 -3.59
N GLY A 99 9.49 -27.10 -2.49
CA GLY A 99 8.40 -27.42 -1.59
C GLY A 99 7.07 -27.33 -2.33
N MET A 100 6.96 -26.32 -3.19
CA MET A 100 5.73 -26.09 -3.93
C MET A 100 5.57 -27.25 -4.91
N ASN A 101 6.65 -27.52 -5.60
CA ASN A 101 6.73 -28.58 -6.61
C ASN A 101 6.37 -29.93 -6.00
N ALA A 102 6.85 -30.25 -4.78
CA ALA A 102 6.44 -31.49 -4.14
C ALA A 102 4.92 -31.60 -4.05
N TRP A 103 4.24 -30.59 -3.52
CA TRP A 103 2.78 -30.65 -3.43
C TRP A 103 2.14 -30.58 -4.81
N ILE A 104 2.66 -29.85 -5.75
CA ILE A 104 2.07 -29.81 -7.10
C ILE A 104 2.26 -31.15 -7.80
N ASP A 105 3.34 -31.88 -7.50
CA ASP A 105 3.47 -33.24 -8.00
C ASP A 105 2.34 -34.12 -7.47
N LYS A 106 2.11 -34.21 -6.16
CA LYS A 106 1.00 -35.02 -5.69
C LYS A 106 -0.32 -34.50 -6.25
N VAL A 107 -0.59 -33.21 -6.40
CA VAL A 107 -1.85 -32.71 -6.94
C VAL A 107 -2.03 -33.16 -8.37
N ASN A 108 -1.02 -33.09 -9.21
CA ASN A 108 -1.19 -33.50 -10.61
C ASN A 108 -1.24 -35.00 -10.79
N THR A 109 -0.96 -35.75 -9.75
CA THR A 109 -0.97 -37.20 -9.71
C THR A 109 -2.27 -37.77 -9.20
N ASN A 110 -3.00 -36.98 -8.41
CA ASN A 110 -4.27 -37.36 -7.81
C ASN A 110 -5.31 -36.25 -7.89
N PRO A 111 -5.64 -35.78 -9.07
CA PRO A 111 -6.45 -34.60 -9.27
C PRO A 111 -7.90 -34.77 -8.89
N GLU A 112 -8.41 -35.99 -8.79
CA GLU A 112 -9.80 -36.23 -8.45
C GLU A 112 -10.14 -35.73 -7.05
N THR A 113 -9.17 -35.69 -6.14
CA THR A 113 -9.39 -35.23 -4.78
C THR A 113 -8.56 -34.02 -4.39
N LEU A 114 -7.40 -33.86 -5.02
CA LEU A 114 -6.47 -32.80 -4.68
C LEU A 114 -6.46 -31.57 -5.56
N LEU A 115 -7.04 -31.57 -6.75
CA LEU A 115 -6.96 -30.34 -7.54
C LEU A 115 -7.98 -29.28 -7.11
N PRO A 116 -7.52 -28.08 -6.79
CA PRO A 116 -8.39 -26.96 -6.43
C PRO A 116 -9.51 -26.82 -7.44
N LYS A 117 -10.75 -26.69 -6.99
CA LYS A 117 -11.85 -26.55 -7.94
C LYS A 117 -11.65 -25.57 -9.08
N GLN A 118 -11.14 -24.37 -8.85
CA GLN A 118 -10.99 -23.29 -9.83
C GLN A 118 -10.13 -23.65 -11.04
N PHE A 119 -9.18 -24.57 -10.92
CA PHE A 119 -8.44 -25.10 -12.06
C PHE A 119 -9.37 -25.80 -13.04
N ASN A 120 -10.34 -26.60 -12.56
CA ASN A 120 -11.31 -27.22 -13.42
C ASN A 120 -12.18 -26.09 -13.99
N THR A 121 -12.76 -25.25 -13.14
CA THR A 121 -13.54 -24.13 -13.62
C THR A 121 -12.90 -23.32 -14.73
N PHE A 122 -11.61 -22.97 -14.61
CA PHE A 122 -10.99 -22.14 -15.62
C PHE A 122 -10.24 -22.95 -16.65
N GLY A 123 -10.27 -24.27 -16.57
CA GLY A 123 -9.73 -25.14 -17.58
C GLY A 123 -8.24 -25.27 -17.73
N PHE A 124 -7.43 -25.38 -16.69
CA PHE A 124 -5.98 -25.45 -16.86
C PHE A 124 -5.39 -26.02 -15.58
N THR A 125 -4.12 -26.40 -15.58
CA THR A 125 -3.63 -27.13 -14.39
C THR A 125 -2.36 -26.44 -13.98
N PRO A 126 -1.94 -26.59 -12.75
CA PRO A 126 -0.75 -26.00 -12.20
C PRO A 126 0.56 -26.42 -12.83
N LYS A 127 1.52 -25.53 -12.92
CA LYS A 127 2.85 -25.85 -13.47
C LYS A 127 3.90 -25.70 -12.40
N ARG A 128 5.09 -26.24 -12.56
CA ARG A 128 6.14 -26.27 -11.55
C ARG A 128 6.84 -24.92 -11.46
N TRP A 129 7.39 -24.57 -10.32
CA TRP A 129 7.94 -23.28 -10.05
C TRP A 129 9.45 -23.31 -10.04
N GLU A 130 10.13 -22.22 -10.34
CA GLU A 130 11.59 -22.16 -10.14
C GLU A 130 11.83 -20.91 -9.28
N PRO A 131 13.01 -20.72 -8.76
CA PRO A 131 13.41 -19.54 -8.03
C PRO A 131 13.03 -18.22 -8.68
N PHE A 132 13.09 -18.08 -9.99
CA PHE A 132 12.71 -16.89 -10.69
C PHE A 132 11.24 -16.56 -10.44
N ASP A 133 10.37 -17.57 -10.37
CA ASP A 133 8.95 -17.32 -10.11
C ASP A 133 8.69 -16.79 -8.70
N VAL A 134 9.43 -17.33 -7.72
CA VAL A 134 9.29 -16.84 -6.36
C VAL A 134 9.66 -15.37 -6.28
N ALA A 135 10.78 -14.98 -6.87
CA ALA A 135 11.28 -13.62 -6.83
C ALA A 135 10.30 -12.69 -7.56
N MET A 136 9.72 -13.12 -8.69
CA MET A 136 8.77 -12.30 -9.42
C MET A 136 7.44 -12.10 -8.71
N ILE A 137 6.99 -12.95 -7.80
CA ILE A 137 5.86 -12.65 -6.93
C ILE A 137 6.13 -11.34 -6.17
N PHE A 138 7.22 -11.25 -5.44
CA PHE A 138 7.60 -10.05 -4.72
C PHE A 138 7.86 -8.84 -5.60
N VAL A 139 8.62 -8.95 -6.68
CA VAL A 139 8.88 -7.83 -7.58
C VAL A 139 7.56 -7.27 -8.09
N GLY A 140 6.69 -8.15 -8.58
CA GLY A 140 5.46 -7.81 -9.22
C GLY A 140 4.48 -7.12 -8.29
N THR A 141 4.39 -7.57 -7.05
CA THR A 141 3.31 -7.14 -6.18
C THR A 141 3.79 -6.20 -5.09
N MET A 142 5.10 -6.03 -4.91
CA MET A 142 5.62 -5.16 -3.87
C MET A 142 6.39 -4.03 -4.54
N ALA A 143 7.42 -4.33 -5.31
CA ALA A 143 8.17 -3.26 -5.98
C ALA A 143 7.33 -2.54 -7.02
N ASN A 144 6.54 -3.23 -7.83
CA ASN A 144 5.74 -2.57 -8.86
C ASN A 144 4.39 -2.02 -8.31
N ARG A 145 3.83 -2.47 -7.35
CA ARG A 145 2.62 -1.85 -6.84
C ARG A 145 2.94 -0.64 -5.99
N PHE A 146 3.93 -0.69 -5.14
CA PHE A 146 4.14 0.35 -4.14
C PHE A 146 5.44 1.12 -4.26
N SER A 147 6.18 1.02 -5.05
CA SER A 147 7.49 1.57 -5.27
C SER A 147 7.87 1.93 -6.70
N ASP A 148 6.86 2.04 -7.54
CA ASP A 148 7.17 2.45 -8.92
C ASP A 148 6.37 3.64 -9.41
N SER A 149 5.96 4.59 -8.58
CA SER A 149 4.99 5.61 -8.91
C SER A 149 5.62 6.85 -9.52
N THR A 150 5.16 7.33 -10.66
CA THR A 150 5.70 8.59 -11.19
C THR A 150 4.63 9.15 -12.11
N SER A 151 4.47 10.45 -12.11
CA SER A 151 3.57 11.08 -13.10
C SER A 151 4.31 12.21 -13.77
N GLU A 152 5.64 12.14 -13.83
CA GLU A 152 6.43 13.21 -14.43
C GLU A 152 6.00 13.63 -15.81
N ILE A 153 5.66 12.71 -16.69
CA ILE A 153 5.22 13.12 -18.03
C ILE A 153 3.91 13.91 -17.93
N ASP A 154 2.96 13.45 -17.12
CA ASP A 154 1.71 14.19 -16.97
C ASP A 154 1.94 15.52 -16.27
N ASN A 155 2.80 15.59 -15.27
CA ASN A 155 3.16 16.83 -14.64
C ASN A 155 3.61 17.88 -15.68
N LEU A 156 4.41 17.51 -16.67
CA LEU A 156 4.96 18.42 -17.66
C LEU A 156 3.85 18.91 -18.58
N ALA A 157 2.89 18.06 -18.90
CA ALA A 157 1.73 18.43 -19.68
C ALA A 157 0.86 19.41 -18.88
N LEU A 158 0.73 19.27 -17.56
CA LEU A 158 0.01 20.26 -16.78
C LEU A 158 0.80 21.58 -16.79
N LEU A 159 2.10 21.55 -16.53
CA LEU A 159 2.93 22.72 -16.47
C LEU A 159 2.83 23.58 -17.73
N THR A 160 2.96 22.92 -18.85
CA THR A 160 2.91 23.55 -20.16
C THR A 160 1.57 24.27 -20.30
N ALA A 161 0.48 23.61 -19.92
CA ALA A 161 -0.85 24.15 -20.02
C ALA A 161 -1.04 25.35 -19.10
N LEU A 162 -0.48 25.33 -17.90
CA LEU A 162 -0.50 26.50 -17.03
C LEU A 162 0.36 27.63 -17.60
N LYS A 163 1.37 27.29 -18.41
CA LYS A 163 2.28 28.28 -18.98
C LYS A 163 1.55 29.05 -20.07
N ASP A 164 0.71 28.36 -20.82
CA ASP A 164 -0.08 28.93 -21.88
C ASP A 164 -1.20 29.84 -21.37
N LYS A 165 -1.77 29.48 -20.23
CA LYS A 165 -2.86 30.22 -19.63
C LYS A 165 -2.35 31.39 -18.82
N TYR A 166 -1.27 31.33 -18.06
CA TYR A 166 -0.85 32.41 -17.21
C TYR A 166 0.50 33.00 -17.58
N GLY A 167 1.04 32.55 -18.70
CA GLY A 167 2.37 33.05 -19.07
C GLY A 167 3.44 32.25 -18.34
N VAL A 168 4.64 32.29 -18.87
CA VAL A 168 5.81 31.61 -18.37
C VAL A 168 6.11 31.72 -16.90
N SER A 169 6.37 32.83 -16.26
CA SER A 169 6.72 32.79 -14.83
C SER A 169 5.54 32.42 -13.93
N GLN A 170 4.38 32.87 -14.34
CA GLN A 170 3.15 32.74 -13.58
C GLN A 170 2.65 31.30 -13.67
N GLY A 171 2.81 30.69 -14.83
CA GLY A 171 2.49 29.26 -14.97
C GLY A 171 3.28 28.38 -13.98
N MET A 172 4.55 28.65 -13.77
CA MET A 172 5.38 27.95 -12.83
C MET A 172 4.97 28.14 -11.38
N ALA A 173 4.57 29.36 -11.06
CA ALA A 173 4.21 29.68 -9.67
C ALA A 173 2.86 29.02 -9.39
N VAL A 174 1.99 28.84 -10.38
CA VAL A 174 0.73 28.15 -10.14
C VAL A 174 0.97 26.64 -9.95
N PHE A 175 1.78 26.03 -10.81
CA PHE A 175 2.31 24.70 -10.71
C PHE A 175 2.86 24.46 -9.32
N ASN A 176 3.63 25.36 -8.74
CA ASN A 176 4.11 25.09 -7.37
C ASN A 176 2.97 25.24 -6.36
N GLN A 177 1.83 25.80 -6.74
CA GLN A 177 0.75 26.02 -5.79
C GLN A 177 -0.05 24.70 -5.67
N LEU A 178 -0.22 24.07 -6.82
CA LEU A 178 -0.95 22.84 -6.97
C LEU A 178 -0.12 21.60 -6.64
N LYS A 179 1.12 21.56 -7.05
CA LYS A 179 2.04 20.44 -6.84
C LYS A 179 3.32 20.96 -6.19
N TRP A 180 3.20 21.38 -4.93
CA TRP A 180 4.39 21.91 -4.27
C TRP A 180 5.44 20.82 -4.11
N LEU A 181 6.72 21.11 -4.06
CA LEU A 181 7.77 20.17 -3.76
C LEU A 181 7.71 19.79 -2.28
N VAL A 182 7.67 20.75 -1.37
CA VAL A 182 7.57 20.51 0.04
C VAL A 182 6.64 21.54 0.67
N ASN A 183 5.97 21.16 1.74
CA ASN A 183 5.10 22.06 2.47
C ASN A 183 5.50 21.86 3.92
N PRO A 184 5.99 22.90 4.55
CA PRO A 184 6.56 22.87 5.88
C PRO A 184 5.52 22.69 6.95
N SER A 185 4.24 22.83 6.62
CA SER A 185 3.27 22.57 7.69
C SER A 185 2.79 21.12 7.75
N ALA A 186 3.12 20.21 6.86
CA ALA A 186 2.74 18.80 6.92
C ALA A 186 3.10 18.08 8.20
N PRO A 187 2.11 17.46 8.81
CA PRO A 187 2.27 16.60 9.98
C PRO A 187 3.22 15.44 9.64
N THR A 188 4.30 15.30 10.41
CA THR A 188 5.35 14.33 10.14
C THR A 188 5.44 13.21 11.15
N THR A 189 5.95 12.03 10.78
CA THR A 189 6.12 10.94 11.75
C THR A 189 7.25 11.26 12.71
N ILE A 190 8.28 11.97 12.25
CA ILE A 190 9.38 12.39 13.13
C ILE A 190 9.16 13.84 13.59
N ALA A 191 9.17 14.09 14.89
CA ALA A 191 9.03 15.45 15.40
C ALA A 191 10.19 16.32 14.98
N VAL A 192 10.00 17.62 14.74
CA VAL A 192 11.10 18.52 14.33
C VAL A 192 12.21 18.52 15.36
N GLN A 193 11.94 18.46 16.67
CA GLN A 193 13.00 18.35 17.66
C GLN A 193 14.01 17.24 17.38
N GLU A 194 13.70 16.11 16.75
CA GLU A 194 14.62 15.03 16.49
C GLU A 194 15.39 15.29 15.20
N SER A 195 14.78 15.42 14.03
CA SER A 195 15.68 15.83 12.92
C SER A 195 14.89 16.40 11.77
N ASN A 196 15.54 16.99 10.78
CA ASN A 196 14.87 17.46 9.58
C ASN A 196 15.74 17.00 8.39
N TYR A 197 15.07 16.80 7.27
CA TYR A 197 15.82 16.39 6.08
C TYR A 197 16.78 17.57 5.81
N SER B 1 -2.20 2.84 4.66
CA SER B 1 -1.85 1.91 5.70
C SER B 1 -1.50 2.73 6.93
N ASN B 2 -1.97 2.22 8.07
CA ASN B 2 -1.56 2.97 9.28
C ASN B 2 -0.85 2.02 10.25
N MET B 3 -0.19 2.65 11.21
CA MET B 3 0.72 2.06 12.15
C MET B 3 0.77 3.00 13.36
N TRP B 4 0.69 2.47 14.55
CA TRP B 4 1.04 3.20 15.75
C TRP B 4 1.94 2.34 16.63
N VAL B 5 3.15 2.77 16.94
CA VAL B 5 3.98 2.02 17.90
C VAL B 5 4.10 2.79 19.21
N ILE B 6 3.76 2.18 20.33
CA ILE B 6 3.78 2.78 21.66
C ILE B 6 4.88 2.23 22.55
N GLY B 7 5.77 3.13 23.00
CA GLY B 7 6.93 2.68 23.77
C GLY B 7 6.68 2.69 25.25
N LYS B 8 7.75 2.41 25.99
CA LYS B 8 7.84 2.35 27.43
C LYS B 8 7.09 3.42 28.19
N SER B 9 7.37 4.68 27.90
CA SER B 9 6.80 5.83 28.58
C SER B 9 5.33 6.06 28.28
N LYS B 10 4.79 5.57 27.18
CA LYS B 10 3.37 5.71 26.88
C LYS B 10 2.54 4.48 27.14
N ALA B 11 3.19 3.32 27.29
CA ALA B 11 2.47 2.06 27.44
C ALA B 11 1.96 1.81 28.86
N GLN B 12 0.82 1.16 29.00
CA GLN B 12 0.26 0.81 30.30
C GLN B 12 0.14 -0.71 30.39
N ASP B 13 0.85 -1.34 31.31
CA ASP B 13 0.80 -2.77 31.59
C ASP B 13 1.58 -3.59 30.57
N ALA B 14 2.58 -2.98 29.98
CA ALA B 14 3.47 -3.60 29.03
C ALA B 14 4.60 -2.60 28.78
N LYS B 15 5.66 -3.04 28.13
CA LYS B 15 6.75 -2.14 27.82
C LYS B 15 6.61 -1.58 26.40
N ALA B 16 5.99 -2.34 25.50
CA ALA B 16 5.83 -1.86 24.14
C ALA B 16 4.62 -2.49 23.46
N ILE B 17 3.95 -1.75 22.58
CA ILE B 17 2.77 -2.22 21.86
C ILE B 17 2.82 -1.74 20.40
N MET B 18 2.78 -2.68 19.45
CA MET B 18 2.78 -2.32 18.04
C MET B 18 1.47 -2.74 17.39
N VAL B 19 0.77 -1.81 16.74
CA VAL B 19 -0.48 -2.12 16.02
C VAL B 19 -0.35 -1.69 14.56
N ASN B 20 -0.48 -2.62 13.62
CA ASN B 20 -0.26 -2.33 12.22
C ASN B 20 -1.51 -2.64 11.41
N GLY B 21 -1.88 -1.83 10.44
CA GLY B 21 -3.02 -1.98 9.58
C GLY B 21 -2.62 -1.59 8.14
N PRO B 22 -1.93 -2.52 7.47
CA PRO B 22 -1.47 -2.34 6.11
C PRO B 22 -2.71 -2.25 5.22
N GLN B 23 -2.83 -1.31 4.28
CA GLN B 23 -4.07 -1.24 3.50
C GLN B 23 -3.81 -1.53 2.05
N PHE B 24 -4.21 -2.72 1.60
CA PHE B 24 -3.86 -3.15 0.26
C PHE B 24 -5.12 -3.36 -0.56
N GLY B 25 -6.27 -3.14 0.05
CA GLY B 25 -7.56 -3.50 -0.62
C GLY B 25 -8.07 -4.79 0.08
N TRP B 26 -9.22 -5.31 -0.32
CA TRP B 26 -9.79 -6.50 0.35
C TRP B 26 -10.18 -7.60 -0.64
N TYR B 27 -9.60 -8.76 -0.44
CA TYR B 27 -9.64 -9.86 -1.41
C TYR B 27 -10.05 -11.20 -0.86
N ALA B 28 -10.48 -12.07 -1.77
CA ALA B 28 -10.82 -13.45 -1.42
C ALA B 28 -10.09 -14.32 -2.43
N PRO B 29 -9.28 -15.26 -2.02
CA PRO B 29 -8.83 -15.43 -0.65
C PRO B 29 -7.90 -14.28 -0.22
N ALA B 30 -7.62 -14.23 1.06
CA ALA B 30 -6.88 -13.25 1.78
C ALA B 30 -5.54 -12.88 1.12
N TYR B 31 -5.30 -11.56 1.27
CA TYR B 31 -4.15 -10.92 0.67
C TYR B 31 -2.89 -11.44 1.40
N THR B 32 -2.93 -11.60 2.70
CA THR B 32 -1.74 -12.08 3.40
C THR B 32 -1.92 -13.55 3.77
N TYR B 33 -0.85 -14.17 4.20
CA TYR B 33 -0.80 -15.60 4.50
C TYR B 33 -0.16 -15.88 5.84
N GLY B 34 -0.77 -16.58 6.79
CA GLY B 34 -0.18 -16.81 8.11
C GLY B 34 0.86 -17.94 8.10
N ILE B 35 2.00 -17.77 8.80
CA ILE B 35 3.08 -18.72 8.73
C ILE B 35 4.03 -18.59 9.90
N GLY B 36 4.50 -19.68 10.49
CA GLY B 36 5.43 -19.70 11.62
C GLY B 36 6.65 -20.50 11.15
N LEU B 37 7.86 -20.00 11.40
CA LEU B 37 9.09 -20.61 10.91
C LEU B 37 10.08 -20.81 12.06
N HIS B 38 10.38 -22.10 12.27
CA HIS B 38 11.16 -22.46 13.46
C HIS B 38 12.32 -23.37 13.07
N GLY B 39 13.50 -22.83 12.91
CA GLY B 39 14.69 -23.56 12.53
C GLY B 39 15.62 -22.70 11.67
N ALA B 40 16.85 -23.18 11.56
CA ALA B 40 17.94 -22.61 10.78
C ALA B 40 18.23 -21.17 11.13
N GLY B 41 18.13 -20.74 12.38
CA GLY B 41 18.34 -19.39 12.82
C GLY B 41 17.05 -18.62 13.05
N TYR B 42 15.98 -19.06 12.42
CA TYR B 42 14.66 -18.46 12.47
C TYR B 42 13.74 -18.98 13.55
N ASP B 43 13.03 -18.12 14.24
CA ASP B 43 11.99 -18.44 15.19
C ASP B 43 10.91 -17.37 15.16
N VAL B 44 10.04 -17.39 14.18
CA VAL B 44 9.14 -16.30 13.85
C VAL B 44 7.67 -16.71 13.69
N THR B 45 6.81 -15.71 13.93
CA THR B 45 5.36 -15.89 13.75
C THR B 45 4.74 -14.63 13.19
N GLY B 46 3.78 -14.75 12.28
CA GLY B 46 3.11 -13.58 11.72
C GLY B 46 2.36 -13.82 10.44
N ASN B 47 2.19 -12.80 9.60
CA ASN B 47 1.48 -13.01 8.33
C ASN B 47 2.13 -12.09 7.29
N THR B 48 2.08 -12.37 6.01
CA THR B 48 2.79 -11.70 4.96
C THR B 48 2.09 -11.79 3.60
N PRO B 49 2.08 -10.71 2.82
CA PRO B 49 1.38 -10.66 1.57
C PRO B 49 1.91 -11.72 0.59
N PHE B 50 1.04 -12.45 -0.13
CA PHE B 50 1.42 -13.42 -1.13
C PHE B 50 2.46 -14.42 -0.62
N ALA B 51 2.44 -14.74 0.69
CA ALA B 51 3.37 -15.69 1.26
C ALA B 51 4.82 -15.43 0.84
N TYR B 52 5.31 -14.21 0.74
CA TYR B 52 6.73 -13.98 0.55
C TYR B 52 7.55 -14.82 1.54
N PRO B 53 8.75 -15.22 1.14
CA PRO B 53 9.77 -15.83 1.98
C PRO B 53 9.96 -15.02 3.23
N GLY B 54 9.95 -13.68 3.20
CA GLY B 54 10.10 -12.89 4.43
C GLY B 54 8.77 -12.34 4.93
N LEU B 55 8.53 -12.44 6.22
CA LEU B 55 7.28 -12.00 6.84
C LEU B 55 7.27 -10.50 6.99
N VAL B 56 6.36 -9.84 6.28
CA VAL B 56 6.29 -8.36 6.44
C VAL B 56 5.69 -7.99 7.78
N PHE B 57 4.81 -8.77 8.42
CA PHE B 57 4.26 -8.40 9.74
C PHE B 57 4.45 -9.54 10.73
N GLY B 58 5.12 -9.34 11.86
CA GLY B 58 5.33 -10.42 12.80
C GLY B 58 6.40 -10.16 13.85
N HIS B 59 6.75 -11.19 14.62
CA HIS B 59 7.75 -11.00 15.66
C HIS B 59 8.56 -12.26 15.88
N ASN B 60 9.69 -12.19 16.54
CA ASN B 60 10.52 -13.37 16.73
C ASN B 60 10.69 -13.67 18.21
N GLY B 61 9.91 -13.07 19.08
CA GLY B 61 10.05 -13.20 20.51
C GLY B 61 10.91 -12.15 21.15
N VAL B 62 11.74 -11.43 20.42
CA VAL B 62 12.61 -10.40 21.00
C VAL B 62 12.24 -9.03 20.48
N ILE B 63 12.16 -8.97 19.14
CA ILE B 63 11.71 -7.78 18.43
C ILE B 63 10.47 -8.02 17.59
N SER B 64 9.77 -6.96 17.19
CA SER B 64 8.64 -7.03 16.28
C SER B 64 8.80 -5.98 15.17
N TRP B 65 8.20 -6.19 14.01
CA TRP B 65 8.36 -5.30 12.88
C TRP B 65 7.03 -5.08 12.16
N GLY B 66 6.92 -4.00 11.40
CA GLY B 66 5.73 -3.65 10.65
C GLY B 66 6.19 -2.66 9.59
N SER B 67 5.35 -2.34 8.65
CA SER B 67 5.63 -1.56 7.46
C SER B 67 4.48 -0.64 7.06
N THR B 68 4.71 0.43 6.31
CA THR B 68 3.65 1.19 5.64
C THR B 68 4.24 1.64 4.23
N ALA B 69 3.65 1.81 3.21
CA ALA B 69 4.31 2.31 2.00
C ALA B 69 4.86 3.72 2.19
N GLY B 70 5.73 4.29 2.01
CA GLY B 70 6.92 5.17 1.95
C GLY B 70 6.62 6.43 1.13
N PHE B 71 6.29 6.32 -0.13
CA PHE B 71 5.97 7.40 -1.03
C PHE B 71 7.04 8.46 -1.15
N GLY B 72 8.32 8.06 -1.11
CA GLY B 72 9.34 9.07 -1.43
C GLY B 72 9.41 9.13 -2.95
N ASP B 73 10.22 10.02 -3.48
CA ASP B 73 10.38 10.08 -4.92
C ASP B 73 11.68 9.32 -5.28
N ASP B 74 11.47 8.11 -5.84
CA ASP B 74 12.65 7.31 -6.18
C ASP B 74 12.63 6.88 -7.62
N VAL B 75 11.74 7.51 -8.40
CA VAL B 75 11.67 7.14 -9.82
C VAL B 75 11.72 8.46 -10.58
N ASP B 76 12.52 8.72 -11.58
CA ASP B 76 12.51 9.93 -12.39
C ASP B 76 12.53 9.48 -13.85
N ILE B 77 12.08 10.30 -14.77
CA ILE B 77 11.98 9.95 -16.19
C ILE B 77 13.05 10.68 -17.00
N PHE B 78 13.78 9.97 -17.86
CA PHE B 78 14.84 10.55 -18.66
C PHE B 78 14.39 10.65 -20.11
N ALA B 79 14.41 11.89 -20.59
CA ALA B 79 13.92 12.14 -21.97
C ALA B 79 15.10 11.82 -22.87
N GLU B 80 15.02 10.73 -23.62
CA GLU B 80 16.16 10.36 -24.45
C GLU B 80 16.03 10.92 -25.86
N ARG B 81 17.19 11.39 -26.34
CA ARG B 81 17.35 11.93 -27.69
C ARG B 81 17.59 10.84 -28.73
N LEU B 82 16.59 10.57 -29.55
CA LEU B 82 16.70 9.64 -30.65
C LEU B 82 17.13 10.35 -31.94
N SER B 83 17.25 9.54 -32.99
CA SER B 83 17.66 9.98 -34.32
C SER B 83 16.82 9.30 -35.40
N ALA B 84 16.26 10.11 -36.28
CA ALA B 84 15.47 9.65 -37.42
C ALA B 84 16.21 8.58 -38.21
N GLU B 85 17.47 8.84 -38.48
CA GLU B 85 18.38 7.94 -39.17
C GLU B 85 19.29 7.36 -38.08
N LYS B 86 19.49 6.07 -38.00
CA LYS B 86 20.24 5.41 -36.93
C LYS B 86 19.31 5.14 -35.75
N PRO B 87 18.21 4.47 -36.05
CA PRO B 87 17.18 4.11 -35.08
C PRO B 87 17.64 2.99 -34.17
N GLY B 88 17.15 2.97 -32.93
CA GLY B 88 17.59 1.98 -31.95
C GLY B 88 18.81 2.48 -31.18
N TYR B 89 19.12 3.75 -31.42
CA TYR B 89 20.27 4.42 -30.85
C TYR B 89 19.79 5.64 -30.07
N TYR B 90 20.65 6.14 -29.20
CA TYR B 90 20.28 7.30 -28.42
C TYR B 90 21.58 7.98 -28.00
N LEU B 91 21.50 9.30 -27.90
CA LEU B 91 22.66 10.09 -27.57
C LEU B 91 22.98 10.08 -26.09
N HIS B 92 24.17 9.64 -25.70
CA HIS B 92 24.50 9.70 -24.28
C HIS B 92 25.98 9.98 -24.15
N ASN B 93 26.29 11.10 -23.51
CA ASN B 93 27.67 11.51 -23.29
C ASN B 93 28.49 11.56 -24.58
N GLY B 94 27.90 12.19 -25.59
CA GLY B 94 28.54 12.47 -26.83
C GLY B 94 28.73 11.37 -27.82
N LYS B 95 28.08 10.22 -27.67
CA LYS B 95 28.17 9.14 -28.66
C LYS B 95 26.77 8.58 -28.85
N TRP B 96 26.53 7.87 -29.95
CA TRP B 96 25.21 7.29 -30.19
C TRP B 96 25.22 5.82 -29.77
N VAL B 97 24.77 5.58 -28.56
CA VAL B 97 24.65 4.28 -27.94
C VAL B 97 23.40 3.50 -28.36
N LYS B 98 23.60 2.20 -28.52
CA LYS B 98 22.53 1.31 -28.95
C LYS B 98 21.74 0.87 -27.71
N MET B 99 20.47 0.67 -27.96
CA MET B 99 19.49 0.27 -26.98
C MET B 99 19.57 -1.24 -26.76
N LEU B 100 19.34 -1.72 -25.55
CA LEU B 100 19.00 -3.11 -25.28
C LEU B 100 17.58 -3.31 -25.80
N SER B 101 17.29 -4.50 -26.32
CA SER B 101 15.96 -4.78 -26.84
C SER B 101 15.63 -6.25 -26.70
N ARG B 102 14.36 -6.65 -26.65
CA ARG B 102 13.99 -8.04 -26.42
C ARG B 102 12.65 -8.24 -27.11
N GLU B 103 12.36 -9.42 -27.65
CA GLU B 103 11.10 -9.67 -28.32
C GLU B 103 10.23 -10.52 -27.41
N GLU B 104 8.93 -10.25 -27.39
CA GLU B 104 8.00 -10.94 -26.52
C GLU B 104 6.80 -11.47 -27.31
N THR B 105 6.43 -12.71 -27.02
CA THR B 105 5.27 -13.27 -27.70
C THR B 105 4.23 -13.55 -26.62
N ILE B 106 3.04 -13.00 -26.87
CA ILE B 106 1.94 -13.21 -25.96
C ILE B 106 1.07 -14.31 -26.56
N THR B 107 1.07 -15.48 -25.95
CA THR B 107 0.18 -16.55 -26.39
C THR B 107 -1.20 -16.25 -25.84
N VAL B 108 -2.24 -16.42 -26.61
CA VAL B 108 -3.62 -16.14 -26.30
C VAL B 108 -4.58 -17.30 -26.39
N LYS B 109 -5.19 -17.77 -25.33
CA LYS B 109 -6.17 -18.85 -25.40
C LYS B 109 -7.29 -18.47 -26.38
N ASN B 110 -7.51 -19.21 -27.43
CA ASN B 110 -8.57 -19.00 -28.42
C ASN B 110 -8.35 -17.70 -29.17
N GLY B 111 -7.08 -17.41 -29.43
CA GLY B 111 -6.76 -16.24 -30.25
C GLY B 111 -5.43 -16.44 -30.94
N GLN B 112 -5.03 -15.51 -31.77
CA GLN B 112 -3.71 -15.48 -32.38
C GLN B 112 -2.68 -14.97 -31.38
N ALA B 113 -1.42 -15.37 -31.51
CA ALA B 113 -0.37 -14.88 -30.63
C ALA B 113 0.02 -13.46 -31.04
N GLU B 114 0.63 -12.69 -30.16
CA GLU B 114 1.05 -11.33 -30.47
C GLU B 114 2.51 -11.13 -30.03
N THR B 115 3.25 -10.49 -30.93
CA THR B 115 4.65 -10.24 -30.58
C THR B 115 4.92 -8.74 -30.75
N PHE B 116 5.73 -8.26 -29.82
CA PHE B 116 6.13 -6.88 -29.71
C PHE B 116 7.52 -6.86 -29.09
N THR B 117 8.11 -5.67 -29.10
CA THR B 117 9.46 -5.48 -28.57
C THR B 117 9.51 -4.54 -27.39
N VAL B 118 10.39 -4.82 -26.42
CA VAL B 118 10.65 -4.00 -25.26
C VAL B 118 12.07 -3.42 -25.38
N TRP B 119 12.18 -2.11 -25.25
CA TRP B 119 13.39 -1.34 -25.37
C TRP B 119 13.88 -0.80 -24.04
N ARG B 120 15.20 -0.74 -23.92
CA ARG B 120 15.80 -0.27 -22.67
C ARG B 120 17.10 0.48 -22.95
N THR B 121 17.39 1.50 -22.14
CA THR B 121 18.59 2.30 -22.27
C THR B 121 19.33 2.23 -20.95
N VAL B 122 20.41 2.96 -20.84
CA VAL B 122 21.14 3.03 -19.57
C VAL B 122 20.22 3.51 -18.47
N HIS B 123 19.21 4.37 -18.74
CA HIS B 123 18.33 4.86 -17.70
C HIS B 123 17.24 3.86 -17.31
N GLY B 124 16.71 3.06 -18.21
CA GLY B 124 15.70 2.06 -17.86
C GLY B 124 14.86 1.69 -19.06
N ASN B 125 13.76 0.97 -18.85
CA ASN B 125 12.85 0.64 -19.92
C ASN B 125 12.20 1.91 -20.47
N ILE B 126 12.09 2.00 -21.79
CA ILE B 126 11.32 3.02 -22.48
C ILE B 126 9.82 2.86 -22.26
N LEU B 127 9.21 3.87 -21.69
CA LEU B 127 7.80 3.97 -21.40
C LEU B 127 7.03 4.33 -22.68
N GLN B 128 7.45 5.43 -23.27
CA GLN B 128 6.81 5.96 -24.46
C GLN B 128 7.84 6.76 -25.27
N THR B 129 7.49 6.92 -26.55
CA THR B 129 8.33 7.68 -27.45
C THR B 129 7.48 8.72 -28.18
N ASP B 130 8.12 9.84 -28.48
CA ASP B 130 7.53 10.92 -29.25
C ASP B 130 8.32 11.01 -30.55
N GLN B 131 7.77 10.45 -31.62
CA GLN B 131 8.46 10.46 -32.91
C GLN B 131 8.54 11.87 -33.48
N THR B 132 7.50 12.67 -33.27
CA THR B 132 7.53 14.05 -33.67
C THR B 132 8.74 14.77 -33.10
N THR B 133 9.02 14.63 -31.81
CA THR B 133 10.18 15.30 -31.21
C THR B 133 11.41 14.41 -31.17
N GLN B 134 11.29 13.17 -31.64
CA GLN B 134 12.36 12.18 -31.58
C GLN B 134 12.86 12.02 -30.13
N THR B 135 11.91 11.84 -29.24
CA THR B 135 12.20 11.71 -27.82
C THR B 135 11.61 10.41 -27.32
N ALA B 136 12.32 9.76 -26.42
CA ALA B 136 11.77 8.51 -25.86
C ALA B 136 11.87 8.67 -24.35
N TYR B 137 10.87 8.21 -23.60
CA TYR B 137 11.01 8.38 -22.15
C TYR B 137 11.45 7.08 -21.50
N ALA B 138 12.50 7.11 -20.69
CA ALA B 138 12.97 5.99 -19.92
C ALA B 138 12.62 6.19 -18.45
N LYS B 139 12.06 5.14 -17.83
CA LYS B 139 11.67 5.27 -16.43
C LYS B 139 12.82 4.77 -15.59
N SER B 140 13.34 5.59 -14.68
CA SER B 140 14.55 5.16 -14.00
C SER B 140 14.30 5.14 -12.51
N ARG B 141 14.46 3.95 -11.96
CA ARG B 141 14.18 3.59 -10.60
C ARG B 141 15.50 3.54 -9.83
N ALA B 142 15.54 4.08 -8.63
CA ALA B 142 16.72 4.03 -7.82
C ALA B 142 16.95 2.62 -7.30
N TRP B 143 15.96 1.72 -7.31
CA TRP B 143 16.12 0.39 -6.76
C TRP B 143 16.43 -0.62 -7.86
N ASP B 144 16.59 -0.16 -9.09
CA ASP B 144 16.85 -1.06 -10.20
C ASP B 144 18.03 -1.97 -9.91
N GLY B 145 17.87 -3.28 -10.05
CA GLY B 145 19.01 -4.16 -9.79
C GLY B 145 19.20 -4.47 -8.34
N LYS B 146 18.23 -4.18 -7.47
CA LYS B 146 18.29 -4.48 -6.06
C LYS B 146 16.94 -5.11 -5.60
N GLU B 147 16.17 -5.61 -6.55
CA GLU B 147 14.91 -6.24 -6.20
C GLU B 147 15.12 -7.44 -5.29
N VAL B 148 15.98 -8.35 -5.72
CA VAL B 148 16.24 -9.60 -4.98
C VAL B 148 16.83 -9.28 -3.63
N ALA B 149 17.75 -8.34 -3.53
CA ALA B 149 18.34 -7.95 -2.24
C ALA B 149 17.30 -7.38 -1.28
N SER B 150 16.27 -6.69 -1.83
CA SER B 150 15.21 -6.15 -0.97
C SER B 150 14.36 -7.25 -0.35
N LEU B 151 14.02 -8.28 -1.12
CA LEU B 151 13.36 -9.49 -0.64
C LEU B 151 14.23 -10.19 0.43
N LEU B 152 15.56 -10.21 0.20
CA LEU B 152 16.41 -10.90 1.20
C LEU B 152 16.54 -10.11 2.48
N ALA B 153 16.55 -8.78 2.36
CA ALA B 153 16.62 -7.94 3.56
C ALA B 153 15.41 -8.16 4.45
N TRP B 154 14.23 -8.30 3.81
CA TRP B 154 12.98 -8.54 4.50
C TRP B 154 12.95 -9.93 5.15
N THR B 155 13.68 -10.88 4.58
CA THR B 155 13.88 -12.20 5.18
C THR B 155 14.89 -12.18 6.32
N HIS B 156 16.08 -11.60 6.09
CA HIS B 156 17.12 -11.61 7.11
C HIS B 156 16.78 -10.77 8.33
N GLN B 157 15.91 -9.78 8.23
CA GLN B 157 15.56 -8.95 9.37
C GLN B 157 14.77 -9.75 10.38
N MET B 158 14.14 -10.86 10.00
CA MET B 158 13.44 -11.69 10.97
C MET B 158 14.39 -12.29 12.01
N LYS B 159 15.69 -12.39 11.75
CA LYS B 159 16.67 -12.85 12.69
C LYS B 159 17.30 -11.81 13.60
N ALA B 160 17.09 -10.54 13.41
CA ALA B 160 17.70 -9.50 14.22
C ALA B 160 17.20 -9.58 15.67
N LYS B 161 18.07 -9.23 16.61
CA LYS B 161 17.70 -9.27 18.02
C LYS B 161 17.81 -7.87 18.61
N ASN B 162 18.31 -6.91 17.83
CA ASN B 162 18.37 -5.55 18.38
C ASN B 162 18.29 -4.51 17.28
N TRP B 163 18.33 -3.26 17.70
CA TRP B 163 18.23 -2.11 16.83
C TRP B 163 19.32 -2.13 15.77
N GLN B 164 20.54 -2.34 16.24
CA GLN B 164 21.73 -2.39 15.43
C GLN B 164 21.64 -3.46 14.37
N GLN B 165 21.26 -4.67 14.80
CA GLN B 165 21.14 -5.75 13.82
C GLN B 165 20.03 -5.46 12.84
N TRP B 166 18.93 -4.92 13.35
CA TRP B 166 17.79 -4.61 12.45
C TRP B 166 18.10 -3.53 11.45
N THR B 167 18.76 -2.43 11.86
CA THR B 167 19.05 -1.39 10.86
C THR B 167 20.06 -1.81 9.83
N GLN B 168 20.89 -2.81 10.15
CA GLN B 168 21.78 -3.35 9.13
C GLN B 168 20.97 -3.91 7.98
N GLN B 169 19.83 -4.56 8.29
CA GLN B 169 18.98 -5.09 7.21
C GLN B 169 18.10 -4.01 6.60
N ALA B 170 17.67 -3.02 7.39
CA ALA B 170 16.87 -1.94 6.82
C ALA B 170 17.68 -1.16 5.80
N ALA B 171 19.00 -1.06 6.00
CA ALA B 171 19.84 -0.39 5.01
C ALA B 171 19.86 -1.06 3.67
N LYS B 172 19.48 -2.34 3.54
CA LYS B 172 19.59 -3.04 2.29
C LYS B 172 18.23 -3.12 1.61
N GLN B 173 17.19 -2.62 2.27
CA GLN B 173 15.86 -2.65 1.64
C GLN B 173 15.75 -1.42 0.76
N ALA B 174 15.70 -1.56 -0.54
CA ALA B 174 15.82 -0.45 -1.44
C ALA B 174 14.50 0.14 -1.93
N LEU B 175 13.34 -0.45 -1.69
CA LEU B 175 12.06 0.11 -2.13
C LEU B 175 11.64 1.24 -1.19
N THR B 176 10.84 2.22 -1.62
CA THR B 176 10.47 3.27 -0.65
C THR B 176 9.37 2.86 0.33
N ILE B 177 9.76 2.33 1.50
CA ILE B 177 8.88 1.74 2.47
C ILE B 177 9.21 2.20 3.88
N ASN B 178 8.23 2.46 4.74
CA ASN B 178 8.53 2.78 6.14
C ASN B 178 8.59 1.47 6.94
N TRP B 179 9.65 1.24 7.72
CA TRP B 179 9.83 0.10 8.57
C TRP B 179 9.75 0.53 10.03
N TYR B 180 9.16 -0.27 10.90
CA TYR B 180 8.95 0.05 12.30
C TYR B 180 9.45 -1.11 13.18
N TYR B 181 10.00 -0.76 14.33
CA TYR B 181 10.68 -1.68 15.21
C TYR B 181 10.09 -1.63 16.62
N ALA B 182 9.96 -2.75 17.33
CA ALA B 182 9.69 -2.67 18.78
C ALA B 182 10.42 -3.83 19.46
N ASP B 183 10.73 -3.76 20.76
CA ASP B 183 11.38 -4.93 21.35
C ASP B 183 10.95 -5.23 22.76
N VAL B 184 11.44 -6.34 23.34
CA VAL B 184 11.10 -6.75 24.68
C VAL B 184 11.51 -5.76 25.77
N ASN B 185 12.47 -4.90 25.52
CA ASN B 185 12.89 -3.93 26.52
C ASN B 185 12.11 -2.63 26.41
N GLY B 186 11.22 -2.52 25.42
CA GLY B 186 10.36 -1.35 25.31
C GLY B 186 10.98 -0.29 24.41
N ASN B 187 12.02 -0.56 23.64
CA ASN B 187 12.53 0.39 22.68
C ASN B 187 11.63 0.39 21.43
N ILE B 188 11.52 1.54 20.74
CA ILE B 188 10.69 1.60 19.54
C ILE B 188 11.47 2.41 18.50
N GLY B 189 11.31 2.11 17.23
CA GLY B 189 12.06 2.79 16.19
C GLY B 189 11.33 2.82 14.86
N TYR B 190 11.84 3.67 13.98
CA TYR B 190 11.31 3.90 12.66
C TYR B 190 12.39 4.25 11.65
N VAL B 191 12.32 3.76 10.43
CA VAL B 191 13.27 4.06 9.38
C VAL B 191 12.41 4.23 8.11
N HIS B 192 12.64 5.30 7.38
CA HIS B 192 12.01 5.47 6.07
C HIS B 192 13.08 4.88 5.15
N THR B 193 12.88 3.61 4.80
CA THR B 193 13.92 2.92 4.05
C THR B 193 13.88 3.28 2.56
N GLY B 194 14.92 2.88 1.85
CA GLY B 194 14.98 2.80 0.42
C GLY B 194 16.21 3.53 -0.12
N ALA B 195 16.49 3.37 -1.39
CA ALA B 195 17.50 3.95 -2.20
C ALA B 195 16.93 5.20 -2.87
N TYR B 196 17.56 6.37 -2.67
CA TYR B 196 17.11 7.65 -3.23
C TYR B 196 18.27 8.20 -4.04
N PRO B 197 17.99 8.76 -5.20
CA PRO B 197 18.99 9.27 -6.10
C PRO B 197 19.74 10.47 -5.58
N ASP B 198 21.00 10.62 -5.96
CA ASP B 198 21.73 11.81 -5.50
C ASP B 198 21.75 12.71 -6.76
N ARG B 199 20.80 13.66 -6.80
CA ARG B 199 20.61 14.36 -8.06
C ARG B 199 21.55 15.55 -8.23
N GLN B 200 21.82 15.89 -9.48
CA GLN B 200 22.58 17.03 -9.92
C GLN B 200 21.87 18.34 -9.53
N SER B 201 22.60 19.33 -9.07
CA SER B 201 22.05 20.65 -8.78
C SER B 201 21.15 21.20 -9.88
N GLY B 202 19.96 21.66 -9.46
CA GLY B 202 18.99 22.20 -10.40
C GLY B 202 18.00 21.23 -11.00
N HIS B 203 18.01 19.99 -10.55
CA HIS B 203 17.15 18.94 -11.06
C HIS B 203 15.82 19.00 -10.31
N ASP B 204 14.77 19.37 -11.00
CA ASP B 204 13.45 19.38 -10.36
C ASP B 204 12.92 17.95 -10.51
N PRO B 205 12.75 17.26 -9.43
CA PRO B 205 12.35 15.84 -9.47
C PRO B 205 10.90 15.69 -9.81
N ARG B 206 10.12 16.70 -10.16
CA ARG B 206 8.71 16.56 -10.50
C ARG B 206 8.51 16.47 -11.98
N LEU B 207 9.57 16.78 -12.72
CA LEU B 207 9.41 16.77 -14.20
C LEU B 207 10.53 16.01 -14.86
N PRO B 208 10.40 15.58 -16.08
CA PRO B 208 11.43 14.82 -16.78
C PRO B 208 12.74 15.56 -16.95
N VAL B 209 13.87 14.90 -17.11
CA VAL B 209 15.15 15.54 -17.38
C VAL B 209 15.64 14.93 -18.70
N PRO B 210 16.44 15.68 -19.43
CA PRO B 210 17.02 15.21 -20.69
C PRO B 210 17.92 14.02 -20.34
N GLY B 211 18.01 13.01 -21.18
CA GLY B 211 18.86 11.86 -20.86
C GLY B 211 20.20 11.84 -21.60
N THR B 212 20.62 12.99 -22.08
CA THR B 212 21.84 13.07 -22.89
C THR B 212 23.12 13.03 -22.09
N GLY B 213 23.11 13.04 -20.76
CA GLY B 213 24.32 12.89 -19.97
C GLY B 213 24.54 13.82 -18.81
N LYS B 214 24.19 15.08 -18.93
CA LYS B 214 24.45 16.11 -17.93
C LYS B 214 23.55 15.99 -16.72
N TRP B 215 22.35 15.45 -16.89
CA TRP B 215 21.42 15.30 -15.77
C TRP B 215 21.43 13.96 -15.07
N ASP B 216 22.24 13.01 -15.53
CA ASP B 216 22.35 11.71 -14.91
C ASP B 216 22.59 11.88 -13.40
N TRP B 217 21.98 10.98 -12.64
CA TRP B 217 22.19 10.96 -11.20
C TRP B 217 23.67 10.78 -10.93
N LYS B 218 24.15 11.25 -9.80
CA LYS B 218 25.54 11.10 -9.42
C LYS B 218 25.75 9.76 -8.73
N GLY B 219 24.67 9.16 -8.23
CA GLY B 219 24.77 7.94 -7.45
C GLY B 219 23.53 7.91 -6.53
N LEU B 220 23.62 7.23 -5.40
CA LEU B 220 22.50 7.11 -4.48
C LEU B 220 22.89 7.78 -3.16
N LEU B 221 21.95 8.33 -2.41
CA LEU B 221 22.34 8.97 -1.16
C LEU B 221 22.61 7.85 -0.16
N PRO B 222 23.46 8.12 0.80
CA PRO B 222 23.85 7.15 1.80
C PRO B 222 22.65 6.86 2.68
N PHE B 223 22.68 5.77 3.43
CA PHE B 223 21.68 5.43 4.41
C PHE B 223 21.58 6.38 5.58
N GLU B 224 22.61 7.18 5.86
CA GLU B 224 22.58 8.15 6.94
C GLU B 224 21.61 9.27 6.54
N MET B 225 21.29 9.51 5.26
CA MET B 225 20.31 10.51 4.92
C MET B 225 18.88 10.04 5.13
N ASN B 226 18.61 8.73 5.19
CA ASN B 226 17.26 8.24 5.34
C ASN B 226 16.71 8.68 6.70
N PRO B 227 15.55 9.33 6.68
CA PRO B 227 14.84 9.72 7.88
C PRO B 227 14.64 8.52 8.79
N LYS B 228 14.90 8.68 10.08
CA LYS B 228 14.88 7.61 11.04
C LYS B 228 14.84 8.18 12.46
N VAL B 229 14.33 7.51 13.45
CA VAL B 229 14.24 8.00 14.82
C VAL B 229 14.13 6.77 15.70
N TYR B 230 14.79 6.78 16.83
CA TYR B 230 14.81 5.70 17.81
C TYR B 230 14.39 6.27 19.16
N ASN B 231 13.46 5.59 19.84
CA ASN B 231 13.01 6.10 21.13
C ASN B 231 12.75 7.59 21.15
N PRO B 232 11.74 8.04 20.40
CA PRO B 232 11.32 9.43 20.25
C PRO B 232 10.91 10.11 21.54
N GLN B 233 11.15 11.41 21.71
CA GLN B 233 10.76 12.11 22.95
C GLN B 233 9.28 11.88 23.30
N SER B 234 8.34 11.89 22.35
CA SER B 234 6.93 11.68 22.50
C SER B 234 6.47 10.37 23.07
N GLY B 235 7.21 9.28 22.85
CA GLY B 235 6.77 8.00 23.38
C GLY B 235 6.03 7.20 22.33
N TYR B 236 5.89 7.69 21.10
CA TYR B 236 5.13 6.93 20.13
C TYR B 236 5.53 7.30 18.72
N ILE B 237 5.31 6.41 17.77
CA ILE B 237 5.49 6.63 16.35
C ILE B 237 4.15 6.33 15.65
N ALA B 238 3.60 7.31 14.91
CA ALA B 238 2.36 7.08 14.17
C ALA B 238 2.58 7.51 12.72
N ASN B 239 1.92 6.80 11.80
CA ASN B 239 2.09 7.05 10.37
C ASN B 239 0.79 6.61 9.71
N TRP B 240 0.36 7.28 8.69
CA TRP B 240 -0.74 6.87 7.83
C TRP B 240 -0.18 7.24 6.42
N ASN B 241 0.92 7.02 6.09
CA ASN B 241 1.48 7.36 4.77
C ASN B 241 1.74 8.88 4.61
N ASN B 242 1.79 9.71 5.24
CA ASN B 242 2.19 10.97 5.82
C ASN B 242 3.73 11.06 5.83
N SER B 243 4.16 12.29 5.77
CA SER B 243 5.56 12.57 5.63
C SER B 243 6.36 12.14 6.85
N PRO B 244 7.47 11.50 6.54
CA PRO B 244 8.42 11.00 7.51
C PRO B 244 8.95 12.14 8.39
N GLN B 245 9.33 13.23 7.72
CA GLN B 245 10.03 14.33 8.39
C GLN B 245 9.95 15.70 7.73
N LYS B 246 10.22 16.74 8.53
CA LYS B 246 10.26 18.09 8.03
C LYS B 246 11.16 18.26 6.80
N ASP B 247 10.59 18.82 5.74
CA ASP B 247 11.25 19.07 4.48
C ASP B 247 11.50 17.87 3.60
N TYR B 248 10.97 16.69 3.91
CA TYR B 248 11.21 15.55 3.03
C TYR B 248 10.26 15.67 1.86
N PRO B 249 10.75 15.60 0.66
CA PRO B 249 9.95 15.69 -0.55
C PRO B 249 9.20 14.39 -0.82
N ALA B 250 7.98 14.44 -1.36
CA ALA B 250 7.13 13.28 -1.55
C ALA B 250 7.19 12.83 -3.00
N SER B 251 6.63 11.68 -3.29
CA SER B 251 6.50 11.14 -4.64
C SER B 251 6.19 12.29 -5.58
N ASP B 252 6.53 12.26 -6.83
CA ASP B 252 6.16 13.31 -7.79
C ASP B 252 4.74 13.15 -8.34
N LEU B 253 3.97 12.14 -7.90
CA LEU B 253 2.58 12.00 -8.33
C LEU B 253 1.80 13.30 -8.14
N PHE B 254 1.06 13.68 -9.18
CA PHE B 254 0.24 14.88 -9.15
C PHE B 254 -0.91 14.71 -8.17
N ALA B 255 -1.37 13.46 -7.98
CA ALA B 255 -2.44 13.26 -7.01
C ALA B 255 -1.90 13.05 -5.61
N PHE B 256 -0.60 13.20 -5.35
CA PHE B 256 -0.09 12.93 -4.01
C PHE B 256 0.59 14.12 -3.38
N LEU B 257 0.13 14.52 -2.18
CA LEU B 257 0.63 15.61 -1.42
C LEU B 257 0.69 15.32 0.08
N TRP B 258 1.69 15.93 0.70
CA TRP B 258 1.94 16.01 2.12
C TRP B 258 1.77 17.50 2.43
N GLY B 259 0.60 17.83 2.97
CA GLY B 259 0.24 19.20 3.27
C GLY B 259 -0.21 19.32 4.72
N GLY B 260 -0.82 20.47 5.00
CA GLY B 260 -1.27 20.72 6.36
C GLY B 260 -2.49 19.87 6.66
N ALA B 261 -3.31 19.52 5.69
CA ALA B 261 -4.44 18.64 5.92
C ALA B 261 -3.97 17.19 5.72
N ASP B 262 -3.91 16.40 6.77
CA ASP B 262 -3.40 15.03 6.68
C ASP B 262 -4.16 14.05 7.55
N ARG B 263 -4.54 12.86 7.06
CA ARG B 263 -5.29 11.94 7.95
C ARG B 263 -4.50 11.40 9.11
N VAL B 264 -3.18 11.49 9.22
CA VAL B 264 -2.48 11.02 10.41
C VAL B 264 -2.81 11.81 11.66
N THR B 265 -3.27 13.06 11.54
CA THR B 265 -3.66 13.85 12.70
C THR B 265 -4.73 13.17 13.54
N GLU B 266 -5.61 12.40 12.91
CA GLU B 266 -6.66 11.64 13.53
C GLU B 266 -6.06 10.59 14.46
N ILE B 267 -4.91 10.02 14.14
CA ILE B 267 -4.28 9.03 15.00
C ILE B 267 -3.59 9.77 16.13
N ASP B 268 -2.87 10.83 15.80
CA ASP B 268 -2.21 11.64 16.81
C ASP B 268 -3.17 12.17 17.88
N ARG B 269 -4.32 12.75 17.49
CA ARG B 269 -5.24 13.20 18.54
C ARG B 269 -5.58 12.04 19.50
N LEU B 270 -5.84 10.82 19.02
CA LEU B 270 -6.19 9.77 19.96
C LEU B 270 -5.00 9.34 20.80
N LEU B 271 -3.77 9.35 20.29
CA LEU B 271 -2.68 8.88 21.14
C LEU B 271 -2.30 9.99 22.10
N GLU B 272 -2.54 11.25 21.77
CA GLU B 272 -2.17 12.34 22.69
C GLU B 272 -3.20 12.52 23.78
N GLN B 273 -4.43 12.08 23.56
CA GLN B 273 -5.51 12.20 24.51
C GLN B 273 -5.32 11.48 25.83
N LYS B 274 -4.53 10.42 25.87
CA LYS B 274 -4.37 9.63 27.09
C LYS B 274 -2.90 9.59 27.40
N PRO B 275 -2.55 9.76 28.67
CA PRO B 275 -1.18 9.70 29.14
C PRO B 275 -0.59 8.33 28.88
N ARG B 276 -1.30 7.25 29.19
CA ARG B 276 -0.81 5.91 28.85
C ARG B 276 -1.92 5.12 28.16
N LEU B 277 -1.55 4.13 27.37
CA LEU B 277 -2.53 3.27 26.72
C LEU B 277 -2.28 1.80 27.04
N THR B 278 -3.34 1.05 27.29
CA THR B 278 -3.25 -0.42 27.40
C THR B 278 -3.34 -1.00 25.98
N ALA B 279 -3.12 -2.31 25.88
CA ALA B 279 -3.19 -3.12 24.71
C ALA B 279 -4.57 -3.02 24.08
N ASP B 280 -5.56 -3.22 24.92
CA ASP B 280 -6.96 -3.07 24.52
C ASP B 280 -7.27 -1.65 24.05
N GLN B 281 -6.66 -0.64 24.68
CA GLN B 281 -6.94 0.70 24.10
C GLN B 281 -6.20 0.89 22.80
N ALA B 282 -4.99 0.36 22.63
CA ALA B 282 -4.27 0.52 21.36
C ALA B 282 -5.03 -0.18 20.26
N TRP B 283 -5.69 -1.30 20.56
CA TRP B 283 -6.48 -2.03 19.60
C TRP B 283 -7.74 -1.26 19.24
N ASP B 284 -8.34 -0.56 20.19
CA ASP B 284 -9.52 0.24 20.03
C ASP B 284 -9.38 1.39 19.06
N VAL B 285 -8.17 1.93 18.86
CA VAL B 285 -7.92 2.99 17.89
C VAL B 285 -8.26 2.52 16.49
N ILE B 286 -8.17 1.20 16.24
CA ILE B 286 -8.54 0.67 14.95
C ILE B 286 -10.02 1.01 14.71
N ARG B 287 -10.88 0.68 15.65
CA ARG B 287 -12.29 0.97 15.52
C ARG B 287 -12.61 2.48 15.41
N GLN B 288 -11.99 3.37 16.16
CA GLN B 288 -12.32 4.79 15.99
C GLN B 288 -11.89 5.31 14.62
N THR B 289 -10.64 5.05 14.24
CA THR B 289 -10.10 5.59 12.99
C THR B 289 -10.76 4.95 11.78
N SER B 290 -11.30 3.77 11.84
CA SER B 290 -12.06 3.11 10.82
C SER B 290 -13.30 3.89 10.44
N ARG B 291 -13.94 4.48 11.47
CA ARG B 291 -15.23 5.12 11.27
C ARG B 291 -15.23 6.63 11.17
N GLN B 292 -14.09 7.27 11.35
CA GLN B 292 -13.92 8.71 11.35
C GLN B 292 -14.02 9.39 10.00
N ASP B 293 -14.85 10.40 9.86
CA ASP B 293 -14.87 11.18 8.59
C ASP B 293 -13.59 12.03 8.63
N LEU B 294 -12.82 12.08 7.57
CA LEU B 294 -11.57 12.82 7.55
C LEU B 294 -11.70 14.27 7.12
N ASN B 295 -12.86 14.75 6.66
CA ASN B 295 -12.94 16.15 6.24
C ASN B 295 -13.59 17.03 7.30
N LEU B 296 -14.31 16.45 8.25
CA LEU B 296 -15.00 17.27 9.24
C LEU B 296 -14.09 18.28 9.92
N ARG B 297 -13.03 17.81 10.55
CA ARG B 297 -12.01 18.50 11.28
C ARG B 297 -11.47 19.67 10.46
N LEU B 298 -11.21 19.44 9.19
CA LEU B 298 -10.57 20.37 8.31
C LEU B 298 -11.41 21.60 7.98
N PHE B 299 -12.69 21.40 7.70
CA PHE B 299 -13.51 22.45 7.16
C PHE B 299 -14.66 22.85 8.08
N LEU B 300 -14.72 22.34 9.32
CA LEU B 300 -15.78 22.78 10.20
C LEU B 300 -15.67 24.23 10.66
N PRO B 301 -14.52 24.68 11.11
CA PRO B 301 -14.23 26.07 11.41
C PRO B 301 -14.55 27.03 10.29
N THR B 302 -14.27 26.79 9.04
CA THR B 302 -14.67 27.63 7.91
C THR B 302 -16.19 27.68 7.69
N LEU B 303 -16.87 26.56 7.90
CA LEU B 303 -18.32 26.51 7.72
C LEU B 303 -19.01 27.28 8.86
N GLN B 304 -18.46 27.25 10.05
CA GLN B 304 -18.98 27.89 11.22
C GLN B 304 -18.85 29.42 11.11
N ALA B 305 -17.65 29.86 10.71
CA ALA B 305 -17.43 31.29 10.51
C ALA B 305 -18.35 31.83 9.44
N ALA B 306 -18.53 31.13 8.35
CA ALA B 306 -19.36 31.69 7.28
C ALA B 306 -20.85 31.72 7.62
N THR B 307 -21.39 30.93 8.54
CA THR B 307 -22.82 30.90 8.74
C THR B 307 -23.16 31.53 10.10
N SER B 308 -22.20 32.17 10.73
CA SER B 308 -22.37 32.78 12.01
C SER B 308 -23.36 33.94 12.03
N GLY B 309 -23.45 34.73 10.97
CA GLY B 309 -24.37 35.84 10.92
C GLY B 309 -25.70 35.48 10.26
N LEU B 310 -26.00 34.20 10.12
CA LEU B 310 -27.20 33.73 9.48
C LEU B 310 -28.29 33.44 10.50
N THR B 311 -29.53 33.62 10.05
CA THR B 311 -30.66 33.35 10.94
C THR B 311 -30.84 31.83 11.05
N GLN B 312 -31.45 31.45 12.15
CA GLN B 312 -31.82 30.09 12.48
C GLN B 312 -32.71 29.41 11.46
N SER B 313 -33.52 30.11 10.67
CA SER B 313 -34.37 29.47 9.69
C SER B 313 -33.65 29.37 8.36
N ASP B 314 -32.39 29.82 8.30
CA ASP B 314 -31.62 29.72 7.06
C ASP B 314 -31.10 28.28 6.99
N PRO B 315 -31.51 27.58 5.96
CA PRO B 315 -31.15 26.18 5.75
C PRO B 315 -29.64 25.94 5.73
N ARG B 316 -28.86 26.80 5.08
CA ARG B 316 -27.39 26.73 5.09
C ARG B 316 -26.87 26.68 6.50
N ARG B 317 -27.44 27.45 7.43
CA ARG B 317 -27.05 27.41 8.83
C ARG B 317 -27.47 26.10 9.48
N GLN B 318 -28.65 25.57 9.15
CA GLN B 318 -29.12 24.32 9.74
C GLN B 318 -28.16 23.19 9.40
N LEU B 319 -27.72 23.09 8.15
CA LEU B 319 -26.68 22.16 7.74
C LEU B 319 -25.42 22.24 8.59
N VAL B 320 -24.88 23.44 8.84
CA VAL B 320 -23.72 23.62 9.70
C VAL B 320 -24.02 23.29 11.15
N GLU B 321 -25.26 23.46 11.63
CA GLU B 321 -25.52 23.09 13.02
C GLU B 321 -25.60 21.58 13.22
N THR B 322 -26.11 20.88 12.23
CA THR B 322 -26.05 19.42 12.19
C THR B 322 -24.61 18.93 12.31
N LEU B 323 -23.72 19.48 11.47
CA LEU B 323 -22.32 19.17 11.52
C LEU B 323 -21.68 19.50 12.85
N THR B 324 -22.02 20.62 13.47
CA THR B 324 -21.45 21.01 14.76
C THR B 324 -21.80 20.08 15.92
N ARG B 325 -22.95 19.43 15.91
CA ARG B 325 -23.34 18.49 16.93
C ARG B 325 -22.73 17.10 16.73
N TRP B 326 -22.19 16.78 15.58
CA TRP B 326 -21.63 15.52 15.20
C TRP B 326 -20.16 15.38 15.59
N ASP B 327 -19.75 14.20 16.04
CA ASP B 327 -18.36 13.98 16.38
C ASP B 327 -17.60 13.38 15.18
N GLY B 328 -18.34 13.12 14.09
CA GLY B 328 -17.70 12.63 12.90
C GLY B 328 -17.48 11.14 12.77
N ILE B 329 -17.91 10.37 13.77
CA ILE B 329 -17.85 8.93 13.73
C ILE B 329 -19.09 8.39 13.01
N ASN B 330 -18.92 7.74 11.86
CA ASN B 330 -20.07 7.15 11.16
C ASN B 330 -20.54 5.86 11.80
N LEU B 331 -21.82 5.66 12.01
CA LEU B 331 -22.36 4.41 12.58
C LEU B 331 -23.55 3.91 11.77
N LEU B 332 -23.63 2.62 11.50
CA LEU B 332 -24.76 2.11 10.71
C LEU B 332 -26.07 2.17 11.52
N ASN B 333 -27.17 2.43 10.84
CA ASN B 333 -28.48 2.28 11.44
C ASN B 333 -28.76 0.78 11.59
N ASP B 334 -29.93 0.42 12.10
CA ASP B 334 -30.44 -0.93 12.25
C ASP B 334 -30.73 -1.62 10.93
N ASP B 335 -31.00 -0.88 9.87
CA ASP B 335 -31.20 -1.44 8.57
C ASP B 335 -29.95 -2.03 7.94
N GLY B 336 -28.75 -1.75 8.48
CA GLY B 336 -27.53 -2.23 7.87
C GLY B 336 -27.30 -1.62 6.51
N LYS B 337 -27.80 -0.42 6.18
CA LYS B 337 -27.42 0.17 4.90
C LYS B 337 -27.34 1.69 4.93
N THR B 338 -27.77 2.36 5.99
CA THR B 338 -27.70 3.80 6.03
C THR B 338 -26.93 4.26 7.27
N TRP B 339 -26.33 5.45 7.08
CA TRP B 339 -25.64 5.98 8.28
C TRP B 339 -26.60 6.71 9.21
N GLN B 340 -26.36 6.78 10.50
CA GLN B 340 -27.13 7.44 11.51
C GLN B 340 -27.15 8.95 11.39
N GLN B 341 -26.11 9.60 10.89
CA GLN B 341 -26.08 11.04 10.71
C GLN B 341 -25.72 11.36 9.28
N PRO B 342 -26.20 12.43 8.71
CA PRO B 342 -26.01 12.78 7.31
C PRO B 342 -24.75 13.58 6.97
N GLY B 343 -23.90 13.83 7.94
CA GLY B 343 -22.66 14.54 7.86
C GLY B 343 -21.79 14.32 6.65
N SER B 344 -21.43 13.06 6.36
CA SER B 344 -20.52 12.76 5.26
C SER B 344 -21.22 13.14 3.97
N ALA B 345 -22.52 12.88 3.85
CA ALA B 345 -23.20 13.27 2.61
C ALA B 345 -23.16 14.80 2.41
N ILE B 346 -23.36 15.61 3.43
CA ILE B 346 -23.28 17.05 3.37
C ILE B 346 -21.91 17.58 2.99
N LEU B 347 -20.86 17.11 3.67
CA LEU B 347 -19.50 17.47 3.30
C LEU B 347 -19.14 17.01 1.89
N ASN B 348 -19.68 15.83 1.53
CA ASN B 348 -19.37 15.36 0.17
C ASN B 348 -19.96 16.34 -0.83
N VAL B 349 -21.25 16.65 -0.71
CA VAL B 349 -21.79 17.59 -1.70
C VAL B 349 -21.14 18.98 -1.65
N TRP B 350 -20.94 19.52 -0.47
CA TRP B 350 -20.33 20.82 -0.29
C TRP B 350 -18.96 20.92 -0.96
N LEU B 351 -18.14 19.95 -0.61
CA LEU B 351 -16.74 19.90 -1.09
C LEU B 351 -16.72 19.82 -2.60
N THR B 352 -17.62 19.02 -3.18
CA THR B 352 -17.67 18.93 -4.63
C THR B 352 -17.97 20.30 -5.22
N SER B 353 -18.90 21.04 -4.59
CA SER B 353 -19.22 22.37 -5.08
C SER B 353 -18.09 23.38 -4.92
N MET B 354 -17.46 23.34 -3.77
CA MET B 354 -16.34 24.21 -3.41
C MET B 354 -15.19 24.01 -4.39
N LEU B 355 -14.89 22.77 -4.78
CA LEU B 355 -13.78 22.54 -5.68
C LEU B 355 -14.14 23.02 -7.05
N LYS B 356 -15.35 22.76 -7.52
CA LYS B 356 -15.78 23.25 -8.84
C LYS B 356 -15.65 24.77 -8.96
N ARG B 357 -16.02 25.53 -7.94
CA ARG B 357 -15.86 26.97 -7.87
C ARG B 357 -14.44 27.49 -7.71
N THR B 358 -13.50 26.78 -7.14
CA THR B 358 -12.17 27.24 -6.79
C THR B 358 -11.05 26.57 -7.56
N VAL B 359 -10.49 25.43 -7.12
CA VAL B 359 -9.41 24.72 -7.78
C VAL B 359 -9.67 24.35 -9.23
N VAL B 360 -10.81 23.74 -9.49
CA VAL B 360 -11.20 23.32 -10.83
C VAL B 360 -11.21 24.50 -11.78
N ALA B 361 -11.81 25.61 -11.38
CA ALA B 361 -11.87 26.84 -12.14
C ALA B 361 -10.51 27.39 -12.53
N ALA B 362 -9.49 27.32 -11.71
CA ALA B 362 -8.17 27.84 -12.06
C ALA B 362 -7.33 26.94 -12.97
N VAL B 363 -7.71 25.69 -13.18
CA VAL B 363 -6.89 24.80 -13.97
C VAL B 363 -7.53 24.55 -15.30
N PRO B 364 -6.75 24.64 -16.35
CA PRO B 364 -7.21 24.41 -17.71
C PRO B 364 -7.71 22.98 -17.88
N MET B 365 -8.72 22.75 -18.70
CA MET B 365 -9.08 21.42 -19.17
C MET B 365 -7.92 20.90 -20.03
N PRO B 366 -7.70 19.59 -19.92
CA PRO B 366 -8.51 18.66 -19.17
C PRO B 366 -7.95 18.24 -17.83
N PHE B 367 -7.02 19.02 -17.28
CA PHE B 367 -6.39 18.75 -16.01
C PHE B 367 -7.26 19.21 -14.85
N ASP B 368 -8.28 20.01 -15.12
CA ASP B 368 -9.25 20.33 -14.09
C ASP B 368 -9.89 19.08 -13.49
N LYS B 369 -10.11 18.01 -14.22
CA LYS B 369 -10.66 16.76 -13.73
C LYS B 369 -9.81 16.06 -12.68
N TRP B 370 -8.51 16.35 -12.60
CA TRP B 370 -7.65 15.84 -11.57
C TRP B 370 -7.99 16.40 -10.19
N TYR B 371 -8.66 17.53 -10.09
CA TYR B 371 -8.81 18.22 -8.82
C TYR B 371 -10.26 18.29 -8.37
N SER B 372 -11.17 17.68 -9.09
CA SER B 372 -12.57 17.71 -8.69
C SER B 372 -13.00 16.73 -7.62
N ALA B 373 -12.29 15.64 -7.32
CA ALA B 373 -12.94 14.60 -6.53
C ALA B 373 -12.99 15.09 -5.08
N SER B 374 -14.08 14.71 -4.42
CA SER B 374 -14.26 15.12 -3.04
C SER B 374 -13.58 14.15 -2.10
N GLY B 375 -13.35 12.93 -2.58
CA GLY B 375 -12.71 11.90 -1.80
C GLY B 375 -13.73 10.97 -1.20
N TYR B 376 -14.97 11.06 -1.65
CA TYR B 376 -16.01 10.17 -1.08
C TYR B 376 -16.46 9.19 -2.16
N GLU B 377 -15.91 9.36 -3.36
CA GLU B 377 -16.29 8.54 -4.50
C GLU B 377 -16.12 7.05 -4.25
N THR B 378 -17.20 6.29 -4.36
CA THR B 378 -17.18 4.84 -4.31
C THR B 378 -18.19 4.32 -5.34
N THR B 379 -18.40 3.02 -5.36
CA THR B 379 -19.53 2.40 -6.05
C THR B 379 -20.30 1.52 -5.07
N GLN B 380 -21.21 0.70 -5.59
CA GLN B 380 -22.01 -0.18 -4.73
C GLN B 380 -21.17 -1.19 -3.97
N ASP B 381 -20.07 -1.68 -4.54
CA ASP B 381 -19.17 -2.57 -3.83
C ASP B 381 -18.32 -1.90 -2.76
N GLY B 382 -18.32 -0.58 -2.68
CA GLY B 382 -17.55 0.22 -1.74
C GLY B 382 -16.19 0.57 -2.30
N PRO B 383 -15.44 1.37 -1.55
CA PRO B 383 -14.10 1.79 -1.93
C PRO B 383 -13.17 0.60 -2.10
N THR B 384 -12.28 0.65 -3.07
CA THR B 384 -11.28 -0.38 -3.29
C THR B 384 -10.08 -0.25 -2.34
N GLY B 385 -9.93 0.85 -1.63
CA GLY B 385 -8.78 1.00 -0.73
C GLY B 385 -9.17 1.90 0.45
N SER B 386 -8.19 2.55 1.03
CA SER B 386 -8.44 3.47 2.14
C SER B 386 -9.18 4.73 1.65
N LEU B 387 -9.90 5.36 2.56
CA LEU B 387 -10.39 6.71 2.43
C LEU B 387 -9.27 7.66 2.86
N ASN B 388 -9.14 8.74 2.11
CA ASN B 388 -8.16 9.79 2.31
C ASN B 388 -8.79 11.18 2.03
N ILE B 389 -7.99 12.22 2.25
CA ILE B 389 -8.35 13.59 1.93
C ILE B 389 -7.94 13.78 0.49
N SER B 390 -8.78 14.24 -0.41
CA SER B 390 -8.45 14.36 -1.84
C SER B 390 -7.39 15.41 -2.13
N VAL B 391 -6.71 15.36 -3.28
CA VAL B 391 -5.70 16.35 -3.58
C VAL B 391 -6.32 17.79 -3.53
N GLY B 392 -7.44 17.93 -4.25
CA GLY B 392 -8.18 19.16 -4.41
C GLY B 392 -8.58 19.70 -3.04
N ALA B 393 -8.96 18.82 -2.11
CA ALA B 393 -9.30 19.28 -0.77
C ALA B 393 -8.04 19.73 -0.03
N LYS B 394 -6.88 19.15 -0.30
CA LYS B 394 -5.64 19.54 0.37
C LYS B 394 -5.16 20.90 -0.16
N ILE B 395 -5.39 21.10 -1.45
CA ILE B 395 -5.08 22.36 -2.09
C ILE B 395 -6.07 23.43 -1.57
N LEU B 396 -7.35 23.10 -1.49
CA LEU B 396 -8.34 24.01 -0.94
C LEU B 396 -8.04 24.31 0.52
N TYR B 397 -7.51 23.37 1.30
CA TYR B 397 -7.26 23.66 2.73
C TYR B 397 -6.20 24.75 2.90
N GLU B 398 -5.18 24.74 2.03
CA GLU B 398 -4.13 25.73 2.03
C GLU B 398 -4.71 27.11 1.74
N ALA B 399 -5.62 27.21 0.77
CA ALA B 399 -6.35 28.40 0.39
C ALA B 399 -7.27 29.01 1.47
N VAL B 400 -8.00 28.20 2.22
CA VAL B 400 -8.80 28.68 3.33
C VAL B 400 -7.92 29.01 4.54
N GLN B 401 -6.63 28.69 4.58
CA GLN B 401 -5.76 29.06 5.69
C GLN B 401 -5.24 30.49 5.52
N GLY B 402 -5.37 31.09 4.35
CA GLY B 402 -4.89 32.45 4.18
C GLY B 402 -3.38 32.56 4.24
N ASP B 403 -2.86 33.61 4.82
CA ASP B 403 -1.42 33.80 4.97
C ASP B 403 -0.85 32.97 6.11
N LYS B 404 -1.63 32.08 6.69
CA LYS B 404 -1.19 31.11 7.68
C LYS B 404 -0.64 29.88 6.94
N SER B 405 -0.94 29.72 5.66
CA SER B 405 -0.35 28.66 4.85
C SER B 405 1.01 29.13 4.35
N PRO B 406 1.97 28.22 4.34
CA PRO B 406 3.31 28.46 3.84
C PRO B 406 3.38 28.48 2.34
N ILE B 407 2.33 28.07 1.63
CA ILE B 407 2.31 27.99 0.19
C ILE B 407 1.75 29.22 -0.48
N PRO B 408 2.63 29.90 -1.17
CA PRO B 408 2.32 31.16 -1.83
C PRO B 408 1.12 30.95 -2.73
N GLN B 409 0.06 31.72 -2.60
CA GLN B 409 -1.10 31.63 -3.46
C GLN B 409 -0.92 32.45 -4.72
N ALA B 410 -0.14 31.94 -5.68
CA ALA B 410 0.05 32.58 -6.96
C ALA B 410 -1.29 32.97 -7.59
N VAL B 411 -2.32 32.13 -7.59
CA VAL B 411 -3.62 32.53 -8.07
C VAL B 411 -4.54 32.55 -6.85
N ASP B 412 -5.42 33.53 -6.81
CA ASP B 412 -6.43 33.58 -5.76
C ASP B 412 -7.52 32.65 -6.29
N LEU B 413 -7.73 31.61 -5.54
CA LEU B 413 -8.63 30.52 -5.87
C LEU B 413 -10.07 30.93 -5.67
N PHE B 414 -10.30 31.92 -4.81
CA PHE B 414 -11.59 32.57 -4.59
C PHE B 414 -11.86 33.65 -5.61
N ALA B 415 -10.95 33.99 -6.49
CA ALA B 415 -11.12 34.89 -7.60
C ALA B 415 -11.71 36.25 -7.23
N GLY B 416 -11.18 36.91 -6.20
CA GLY B 416 -11.70 38.23 -5.86
C GLY B 416 -12.83 38.21 -4.86
N LYS B 417 -13.61 37.13 -4.76
CA LYS B 417 -14.71 37.11 -3.80
C LYS B 417 -14.23 36.72 -2.43
N PRO B 418 -14.83 37.33 -1.44
CA PRO B 418 -14.56 36.98 -0.05
C PRO B 418 -14.87 35.50 0.11
N GLN B 419 -14.07 34.77 0.83
CA GLN B 419 -14.26 33.38 1.13
C GLN B 419 -15.65 32.92 1.52
N GLN B 420 -16.27 33.59 2.47
CA GLN B 420 -17.59 33.31 2.99
C GLN B 420 -18.65 33.37 1.91
N GLU B 421 -18.52 34.26 0.95
CA GLU B 421 -19.49 34.27 -0.13
C GLU B 421 -19.37 32.97 -0.91
N VAL B 422 -18.17 32.43 -1.14
CA VAL B 422 -18.00 31.20 -1.89
C VAL B 422 -18.48 30.00 -1.05
N VAL B 423 -18.13 29.97 0.21
CA VAL B 423 -18.62 28.96 1.12
C VAL B 423 -20.15 28.90 1.21
N LEU B 424 -20.84 30.03 1.26
CA LEU B 424 -22.27 30.11 1.38
C LEU B 424 -22.87 29.74 0.06
N ALA B 425 -22.30 30.10 -1.08
CA ALA B 425 -22.90 29.66 -2.35
C ALA B 425 -22.85 28.14 -2.44
N ALA B 426 -21.75 27.48 -2.02
CA ALA B 426 -21.63 26.03 -2.05
C ALA B 426 -22.61 25.35 -1.10
N LEU B 427 -22.84 26.01 0.05
CA LEU B 427 -23.80 25.51 1.02
C LEU B 427 -25.23 25.60 0.50
N GLU B 428 -25.52 26.55 -0.37
CA GLU B 428 -26.81 26.71 -1.02
C GLU B 428 -26.97 25.57 -2.00
N ASP B 429 -25.89 25.29 -2.74
CA ASP B 429 -25.89 24.18 -3.69
C ASP B 429 -26.14 22.87 -2.95
N THR B 430 -25.54 22.69 -1.79
CA THR B 430 -25.67 21.48 -1.02
C THR B 430 -27.11 21.32 -0.54
N TRP B 431 -27.69 22.42 -0.05
CA TRP B 431 -29.07 22.33 0.44
C TRP B 431 -30.04 21.96 -0.69
N GLU B 432 -29.84 22.56 -1.85
CA GLU B 432 -30.67 22.31 -3.02
C GLU B 432 -30.65 20.83 -3.43
N THR B 433 -29.44 20.29 -3.59
CA THR B 433 -29.27 18.89 -3.95
C THR B 433 -29.81 17.90 -2.93
N LEU B 434 -29.45 18.04 -1.66
CA LEU B 434 -29.91 17.06 -0.68
C LEU B 434 -31.38 17.14 -0.36
N SER B 435 -31.97 18.29 -0.10
CA SER B 435 -33.37 18.46 0.24
C SER B 435 -34.24 17.94 -0.91
N LYS B 436 -33.80 18.08 -2.14
CA LYS B 436 -34.57 17.60 -3.27
C LYS B 436 -34.79 16.09 -3.14
N ARG B 437 -33.74 15.36 -2.73
CA ARG B 437 -33.82 13.91 -2.64
C ARG B 437 -34.34 13.39 -1.33
N TYR B 438 -34.07 14.06 -0.19
CA TYR B 438 -34.55 13.58 1.08
C TYR B 438 -35.67 14.41 1.69
N GLY B 439 -35.89 15.61 1.15
CA GLY B 439 -36.91 16.49 1.75
C GLY B 439 -36.24 17.49 2.68
N ASN B 440 -37.03 18.31 3.37
CA ASN B 440 -36.57 19.38 4.20
C ASN B 440 -36.35 19.06 5.67
N ASN B 441 -36.81 17.88 6.09
CA ASN B 441 -36.61 17.59 7.52
C ASN B 441 -35.31 16.83 7.66
N VAL B 442 -34.24 17.55 8.03
CA VAL B 442 -32.92 17.01 8.14
C VAL B 442 -32.79 15.86 9.12
N SER B 443 -33.60 15.88 10.18
CA SER B 443 -33.57 14.83 11.17
C SER B 443 -34.05 13.48 10.66
N ASN B 444 -34.73 13.38 9.53
CA ASN B 444 -35.10 12.02 9.12
C ASN B 444 -34.34 11.62 7.87
N TRP B 445 -33.27 12.31 7.51
CA TRP B 445 -32.43 11.98 6.37
C TRP B 445 -31.69 10.67 6.67
N LYS B 446 -31.89 9.66 5.84
CA LYS B 446 -31.23 8.37 6.00
C LYS B 446 -30.34 8.24 4.77
N THR B 447 -29.08 8.61 4.91
CA THR B 447 -28.14 8.60 3.79
C THR B 447 -27.41 7.28 3.74
N PRO B 448 -27.00 6.89 2.55
CA PRO B 448 -26.45 5.59 2.27
C PRO B 448 -25.02 5.45 2.81
N ALA B 449 -24.83 4.30 3.49
CA ALA B 449 -23.52 3.97 4.03
C ALA B 449 -22.68 3.37 2.94
N MET B 450 -21.38 3.35 3.08
CA MET B 450 -20.45 2.68 2.19
C MET B 450 -20.38 1.24 2.70
N ALA B 451 -20.22 0.31 1.78
CA ALA B 451 -20.02 -1.08 2.16
C ALA B 451 -18.61 -1.57 1.79
N LEU B 452 -18.36 -2.82 2.14
CA LEU B 452 -17.07 -3.46 1.92
C LEU B 452 -17.11 -4.81 1.22
N THR B 453 -16.38 -4.90 0.11
CA THR B 453 -16.27 -6.12 -0.69
C THR B 453 -14.94 -6.84 -0.64
N PHE B 454 -14.91 -8.13 -0.30
CA PHE B 454 -13.70 -8.96 -0.45
C PHE B 454 -13.77 -9.48 -1.89
N ARG B 455 -13.00 -8.91 -2.78
CA ARG B 455 -13.05 -9.28 -4.18
C ARG B 455 -12.27 -10.53 -4.58
N ALA B 456 -12.85 -11.22 -5.54
CA ALA B 456 -12.37 -12.42 -6.18
C ALA B 456 -11.28 -12.13 -7.19
N ASN B 457 -11.21 -10.93 -7.76
CA ASN B 457 -10.16 -10.55 -8.67
C ASN B 457 -8.99 -9.94 -7.88
N ASN B 458 -7.74 -10.22 -8.21
CA ASN B 458 -6.67 -9.58 -7.46
C ASN B 458 -6.61 -8.10 -7.88
N PHE B 459 -5.70 -7.34 -7.30
CA PHE B 459 -5.50 -5.93 -7.50
C PHE B 459 -5.16 -5.60 -8.92
N PHE B 460 -4.62 -6.50 -9.71
CA PHE B 460 -4.39 -6.24 -11.13
C PHE B 460 -5.70 -6.32 -11.92
N GLY B 461 -6.78 -6.86 -11.39
CA GLY B 461 -7.98 -7.06 -12.17
C GLY B 461 -8.06 -8.48 -12.73
N VAL B 462 -7.19 -9.38 -12.28
CA VAL B 462 -7.16 -10.77 -12.69
C VAL B 462 -7.79 -11.67 -11.65
N PRO B 463 -8.64 -12.59 -12.08
CA PRO B 463 -9.31 -13.53 -11.22
C PRO B 463 -8.34 -14.39 -10.41
N GLN B 464 -8.63 -14.53 -9.13
CA GLN B 464 -7.83 -15.35 -8.24
C GLN B 464 -8.82 -16.21 -7.47
N ALA B 465 -10.07 -16.27 -7.93
CA ALA B 465 -11.08 -17.07 -7.26
C ALA B 465 -12.28 -16.99 -8.19
N ALA B 466 -13.32 -17.75 -7.93
CA ALA B 466 -14.46 -17.68 -8.87
C ALA B 466 -15.29 -16.49 -8.39
N ALA B 467 -16.12 -15.93 -9.26
CA ALA B 467 -16.88 -14.73 -8.90
C ALA B 467 -17.86 -14.92 -7.76
N GLU B 468 -18.37 -16.13 -7.52
CA GLU B 468 -19.25 -16.38 -6.38
C GLU B 468 -18.50 -16.40 -5.06
N GLU B 469 -17.16 -16.43 -5.09
CA GLU B 469 -16.34 -16.41 -3.89
C GLU B 469 -16.21 -15.02 -3.31
N THR B 470 -16.67 -13.99 -4.02
CA THR B 470 -16.72 -12.63 -3.49
C THR B 470 -17.46 -12.55 -2.15
N ARG B 471 -16.98 -11.82 -1.17
CA ARG B 471 -17.67 -11.70 0.11
C ARG B 471 -17.97 -10.22 0.30
N HIS B 472 -19.05 -9.92 0.98
CA HIS B 472 -19.64 -8.63 1.22
C HIS B 472 -19.80 -8.40 2.72
N GLN B 473 -19.35 -7.23 3.15
CA GLN B 473 -19.52 -6.85 4.56
C GLN B 473 -20.28 -5.52 4.53
N ALA B 474 -21.28 -5.38 5.38
CA ALA B 474 -22.20 -4.26 5.36
C ALA B 474 -21.49 -2.96 5.73
N GLU B 475 -20.59 -2.93 6.69
CA GLU B 475 -19.91 -1.75 7.13
C GLU B 475 -18.50 -1.58 6.56
N TYR B 476 -18.33 -0.54 5.74
CA TYR B 476 -17.01 -0.14 5.27
C TYR B 476 -16.21 0.33 6.49
N GLN B 477 -14.97 -0.08 6.61
CA GLN B 477 -14.09 0.27 7.72
C GLN B 477 -12.78 0.78 7.13
N ASN B 478 -12.33 1.99 7.43
CA ASN B 478 -11.08 2.50 6.86
C ASN B 478 -9.91 1.93 7.69
N ARG B 479 -9.52 0.70 7.44
CA ARG B 479 -8.62 -0.07 8.28
C ARG B 479 -7.80 -1.02 7.43
N GLY B 480 -6.75 -1.57 8.07
CA GLY B 480 -5.89 -2.52 7.37
C GLY B 480 -6.67 -3.71 6.88
N THR B 481 -6.21 -4.24 5.75
CA THR B 481 -6.64 -5.44 5.10
C THR B 481 -6.52 -6.57 6.14
N GLU B 482 -5.46 -6.55 6.94
CA GLU B 482 -5.30 -7.35 8.12
C GLU B 482 -4.92 -6.37 9.25
N ASN B 483 -5.15 -6.69 10.51
CA ASN B 483 -4.70 -5.97 11.67
C ASN B 483 -3.91 -6.92 12.58
N ASP B 484 -2.73 -6.51 13.04
CA ASP B 484 -1.91 -7.38 13.88
C ASP B 484 -1.39 -6.56 15.05
N MET B 485 -1.30 -7.18 16.23
CA MET B 485 -0.90 -6.47 17.44
C MET B 485 0.12 -7.31 18.20
N ILE B 486 1.26 -6.74 18.53
CA ILE B 486 2.30 -7.38 19.32
C ILE B 486 2.50 -6.61 20.63
N VAL B 487 2.40 -7.25 21.76
CA VAL B 487 2.54 -6.66 23.07
C VAL B 487 3.74 -7.28 23.81
N PHE B 488 4.77 -6.51 24.07
CA PHE B 488 5.97 -6.95 24.74
C PHE B 488 5.97 -6.67 26.23
N SER B 489 6.41 -7.66 27.00
CA SER B 489 6.48 -7.68 28.44
C SER B 489 5.19 -7.23 29.12
N PRO B 490 4.15 -8.00 28.87
CA PRO B 490 2.85 -7.77 29.47
C PRO B 490 2.99 -7.97 30.97
N THR B 491 2.58 -7.07 31.83
CA THR B 491 2.50 -7.32 33.25
C THR B 491 1.44 -8.37 33.55
N THR B 492 0.43 -8.58 32.72
CA THR B 492 -0.65 -9.52 32.94
C THR B 492 -0.46 -10.96 32.45
N SER B 493 0.75 -11.40 32.17
CA SER B 493 1.00 -12.78 31.73
C SER B 493 2.43 -13.12 32.13
N ASP B 494 2.85 -14.35 31.92
CA ASP B 494 4.22 -14.75 32.27
C ASP B 494 5.04 -14.86 30.99
N ARG B 495 4.30 -14.78 29.89
CA ARG B 495 4.89 -14.73 28.56
C ARG B 495 5.51 -13.35 28.32
N PRO B 496 6.70 -13.32 27.75
CA PRO B 496 7.43 -12.15 27.36
C PRO B 496 6.86 -11.38 26.17
N VAL B 497 6.05 -12.00 25.34
CA VAL B 497 5.39 -11.44 24.21
C VAL B 497 3.95 -11.98 24.14
N LEU B 498 3.06 -11.23 23.50
CA LEU B 498 1.71 -11.73 23.22
C LEU B 498 1.38 -11.10 21.86
N ALA B 499 0.85 -11.83 20.90
CA ALA B 499 0.61 -11.23 19.61
C ALA B 499 -0.72 -11.68 19.07
N TRP B 500 -1.42 -10.87 18.30
CA TRP B 500 -2.69 -11.27 17.72
C TRP B 500 -2.77 -10.84 16.26
N ASP B 501 -3.63 -11.48 15.48
CA ASP B 501 -3.86 -11.02 14.11
C ASP B 501 -5.25 -11.47 13.70
N VAL B 502 -5.63 -11.20 12.46
CA VAL B 502 -6.93 -11.60 11.92
C VAL B 502 -6.71 -11.62 10.42
N VAL B 503 -6.88 -12.74 9.75
CA VAL B 503 -6.54 -12.91 8.33
C VAL B 503 -7.78 -13.42 7.61
N ALA B 504 -8.65 -12.51 7.21
CA ALA B 504 -9.94 -12.83 6.62
C ALA B 504 -9.86 -12.90 5.13
N PRO B 505 -10.66 -13.75 4.51
CA PRO B 505 -11.64 -14.60 5.15
C PRO B 505 -11.11 -15.73 6.01
N GLY B 506 -9.96 -16.29 5.67
CA GLY B 506 -9.42 -17.45 6.36
C GLY B 506 -7.99 -17.78 5.93
N GLN B 507 -7.30 -18.69 6.62
CA GLN B 507 -5.99 -19.14 6.22
C GLN B 507 -5.96 -19.86 4.87
N SER B 508 -6.99 -20.66 4.60
CA SER B 508 -7.09 -21.44 3.38
C SER B 508 -8.02 -20.86 2.33
N GLY B 509 -7.67 -21.16 1.08
CA GLY B 509 -8.59 -20.78 0.01
C GLY B 509 -8.90 -22.07 -0.72
N PHE B 510 -8.65 -23.23 -0.08
CA PHE B 510 -8.87 -24.46 -0.84
C PHE B 510 -10.33 -24.90 -0.89
N ILE B 511 -10.69 -25.26 -2.11
CA ILE B 511 -11.96 -25.85 -2.48
C ILE B 511 -11.65 -27.15 -3.28
N ALA B 512 -12.11 -28.28 -2.75
CA ALA B 512 -11.89 -29.57 -3.42
C ALA B 512 -12.70 -29.56 -4.71
N PRO B 513 -12.35 -30.48 -5.59
CA PRO B 513 -13.04 -30.64 -6.86
C PRO B 513 -14.51 -30.96 -6.72
N ASP B 514 -15.02 -31.61 -5.68
CA ASP B 514 -16.43 -31.78 -5.44
C ASP B 514 -17.10 -30.56 -4.80
N GLY B 515 -16.42 -29.43 -4.68
CA GLY B 515 -16.97 -28.22 -4.10
C GLY B 515 -16.98 -28.14 -2.58
N THR B 516 -16.31 -29.07 -1.92
CA THR B 516 -16.23 -29.06 -0.47
C THR B 516 -15.18 -27.99 -0.15
N VAL B 517 -15.57 -27.08 0.71
CA VAL B 517 -14.71 -25.96 1.10
C VAL B 517 -13.87 -26.32 2.30
N ASP B 518 -12.59 -25.93 2.28
CA ASP B 518 -11.73 -26.21 3.42
C ASP B 518 -12.38 -25.73 4.72
N LYS B 519 -11.97 -26.36 5.81
CA LYS B 519 -12.45 -26.00 7.14
C LYS B 519 -12.01 -24.62 7.55
N HIS B 520 -10.90 -24.10 7.01
CA HIS B 520 -10.38 -22.80 7.39
C HIS B 520 -10.52 -21.77 6.28
N TYR B 521 -11.52 -21.96 5.45
CA TYR B 521 -11.81 -21.10 4.33
C TYR B 521 -12.43 -19.79 4.75
N GLU B 522 -13.15 -19.73 5.86
CA GLU B 522 -13.88 -18.48 6.12
C GLU B 522 -14.19 -18.35 7.59
N ASP B 523 -13.34 -18.97 8.40
CA ASP B 523 -13.59 -18.98 9.84
C ASP B 523 -13.01 -17.74 10.46
N GLN B 524 -12.52 -16.78 9.71
CA GLN B 524 -11.99 -15.54 10.23
C GLN B 524 -12.80 -14.32 9.78
N LEU B 525 -13.75 -14.46 8.89
CA LEU B 525 -14.60 -13.41 8.38
C LEU B 525 -15.54 -12.65 9.33
N LYS B 526 -16.22 -13.25 10.29
CA LYS B 526 -17.07 -12.57 11.23
C LYS B 526 -16.23 -11.87 12.28
N MET B 527 -15.10 -12.46 12.61
CA MET B 527 -14.08 -11.90 13.47
C MET B 527 -13.56 -10.56 12.94
N TYR B 528 -13.39 -10.44 11.64
CA TYR B 528 -12.93 -9.22 11.01
C TYR B 528 -13.93 -8.09 11.22
N GLU B 529 -15.15 -8.37 10.81
CA GLU B 529 -16.22 -7.40 10.93
C GLU B 529 -16.41 -6.88 12.35
N ASN B 530 -16.35 -7.70 13.40
CA ASN B 530 -16.62 -7.17 14.71
C ASN B 530 -15.35 -6.73 15.41
N PHE B 531 -14.23 -6.43 14.72
CA PHE B 531 -13.02 -5.97 15.38
C PHE B 531 -12.44 -7.00 16.35
N GLY B 532 -12.67 -8.30 16.10
CA GLY B 532 -12.05 -9.34 16.90
C GLY B 532 -10.65 -9.70 16.37
N ARG B 533 -9.99 -10.65 16.97
CA ARG B 533 -8.65 -11.11 16.65
C ARG B 533 -8.35 -12.48 17.25
N LYS B 534 -7.42 -13.22 16.68
CA LYS B 534 -7.00 -14.52 17.19
C LYS B 534 -5.56 -14.42 17.65
N SER B 535 -5.13 -15.28 18.56
CA SER B 535 -3.77 -15.35 19.04
C SER B 535 -2.80 -15.95 18.02
N LEU B 536 -1.60 -15.39 18.00
CA LEU B 536 -0.54 -15.88 17.13
C LEU B 536 0.36 -16.68 18.09
N TRP B 537 0.76 -17.90 17.77
CA TRP B 537 1.66 -18.61 18.69
C TRP B 537 3.09 -18.60 18.16
N LEU B 538 4.07 -18.57 19.04
CA LEU B 538 5.48 -18.62 18.77
C LEU B 538 6.15 -19.82 19.45
N THR B 539 6.21 -19.91 20.76
CA THR B 539 6.83 -21.04 21.43
C THR B 539 6.26 -22.42 21.08
N LYS B 540 7.09 -23.43 21.31
CA LYS B 540 6.80 -24.82 21.01
C LYS B 540 5.64 -25.31 21.86
N GLN B 541 5.73 -24.98 23.15
CA GLN B 541 4.66 -25.36 24.07
C GLN B 541 3.35 -24.78 23.57
N ASP B 542 3.24 -23.49 23.24
CA ASP B 542 2.00 -22.95 22.74
C ASP B 542 1.54 -23.57 21.44
N VAL B 543 2.44 -23.94 20.55
CA VAL B 543 2.03 -24.54 19.28
C VAL B 543 1.47 -25.93 19.48
N GLU B 544 2.09 -26.75 20.32
CA GLU B 544 1.64 -28.09 20.67
C GLU B 544 0.28 -28.06 21.34
N ALA B 545 0.14 -27.09 22.28
CA ALA B 545 -1.09 -26.94 23.05
C ALA B 545 -2.24 -26.55 22.14
N HIS B 546 -2.03 -25.90 21.01
CA HIS B 546 -3.17 -25.51 20.16
C HIS B 546 -3.15 -26.23 18.85
N LYS B 547 -2.41 -27.31 18.76
CA LYS B 547 -2.25 -28.07 17.53
C LYS B 547 -3.55 -28.68 17.03
N GLU B 548 -3.88 -28.59 15.76
CA GLU B 548 -5.09 -29.30 15.32
C GLU B 548 -4.69 -30.48 14.41
N SER B 549 -3.44 -30.48 13.95
CA SER B 549 -2.93 -31.52 13.09
C SER B 549 -1.41 -31.38 12.91
N GLN B 550 -0.84 -32.48 12.46
CA GLN B 550 0.58 -32.66 12.28
C GLN B 550 0.88 -33.48 11.02
N GLU B 551 1.97 -33.16 10.34
CA GLU B 551 2.35 -33.87 9.12
C GLU B 551 3.87 -33.88 9.14
N VAL B 552 4.48 -35.04 8.97
CA VAL B 552 5.95 -35.11 8.99
C VAL B 552 6.41 -35.54 7.61
N LEU B 553 7.48 -34.95 7.11
CA LEU B 553 8.04 -35.25 5.81
C LEU B 553 9.50 -35.61 6.03
N HIS B 554 9.98 -36.49 5.17
CA HIS B 554 11.39 -36.90 5.20
C HIS B 554 11.87 -36.61 3.79
N VAL B 555 12.80 -35.69 3.57
CA VAL B 555 13.20 -35.36 2.20
C VAL B 555 14.70 -35.07 2.16
N GLN B 556 15.39 -35.53 1.12
CA GLN B 556 16.80 -35.17 1.04
C GLN B 556 16.99 -34.39 -0.27
N ARG B 557 17.76 -33.33 -0.15
CA ARG B 557 18.03 -32.45 -1.29
C ARG B 557 18.89 -33.21 -2.29
#